data_6UJ8
#
_entry.id   6UJ8
#
_cell.length_a   67.690
_cell.length_b   70.480
_cell.length_c   88.146
_cell.angle_alpha   90.000
_cell.angle_beta   107.650
_cell.angle_gamma   90.000
#
_symmetry.space_group_name_H-M   'P 1 21 1'
#
loop_
_entity.id
_entity.type
_entity.pdbx_description
1 polymer 'HLA class I histocompatibility antigen, B-7 alpha chain'
2 polymer Beta-2-microglobulin
3 polymer 'Isocitrate dehydrogenase [NADP], mitochondrial'
4 non-polymer DI(HYDROXYETHYL)ETHER
5 non-polymer 'PENTAETHYLENE GLYCOL'
6 non-polymer 'SULFATE ION'
7 non-polymer 'TRIETHYLENE GLYCOL'
8 non-polymer 'TETRAETHYLENE GLYCOL'
9 water water
#
loop_
_entity_poly.entity_id
_entity_poly.type
_entity_poly.pdbx_seq_one_letter_code
_entity_poly.pdbx_strand_id
1 'polypeptide(L)'
;MGSHSMRYFYTSVSRPGRGEPRFISVGYVDDTQFVRFDSDAASPREEPRAPWIEQEGPEYWDRNTQIYKAQAQTDRESLR
NLRGYYNQSEAGSHTLQSMYGCDVGPDGRLLRGHDQYAYDGKDYIALNEDLRSWTAADTAAQITQRKWEAAREAEQRRAY
LEGECVEWLRRYLENGKDKLERADPPKTHVTHHPISDHEATLRCWALGFYPAEITLTWQRDGEDQTQDTELVETRPAGDR
TFQKWAAVVVPSGEEQRYTCHVQHEGLPKPLTLRWEPSSQSGSLHHILDAQKMVWNHR
;
A,D
2 'polypeptide(L)'
;MSRSVALAVLALLSLSGLEAIQRTPKIQVYSRHPAENGKSNFLNCYVSGFHPSDIEVDLLKNGERIEKVEHSDLSFSKDW
SFYLLYYTEFTPTEKDEYACRVNHVTLSQPKIVKWDRDM
;
B,E
3 'polypeptide(L)' SPNGTIRNIL C,F
#
loop_
_chem_comp.id
_chem_comp.type
_chem_comp.name
_chem_comp.formula
1PE non-polymer 'PENTAETHYLENE GLYCOL' 'C10 H22 O6'
PEG non-polymer DI(HYDROXYETHYL)ETHER 'C4 H10 O3'
PG4 non-polymer 'TETRAETHYLENE GLYCOL' 'C8 H18 O5'
PGE non-polymer 'TRIETHYLENE GLYCOL' 'C6 H14 O4'
SO4 non-polymer 'SULFATE ION' 'O4 S -2'
#
# COMPACT_ATOMS: atom_id res chain seq x y z
N SER A 3 13.81 16.20 10.44
CA SER A 3 13.16 16.44 11.77
C SER A 3 11.86 15.62 11.89
N HIS A 4 11.74 14.78 12.93
CA HIS A 4 10.61 13.81 13.08
C HIS A 4 10.02 13.87 14.49
N SER A 5 8.86 13.24 14.68
CA SER A 5 8.20 13.19 16.00
C SER A 5 7.63 11.81 16.25
N MET A 6 7.60 11.39 17.50
CA MET A 6 6.85 10.18 17.92
C MET A 6 5.78 10.63 18.90
N ARG A 7 4.55 10.12 18.80
CA ARG A 7 3.51 10.48 19.78
C ARG A 7 2.70 9.24 20.19
N TYR A 8 2.24 9.21 21.43
CA TYR A 8 1.29 8.21 21.93
C TYR A 8 0.07 9.00 22.38
N PHE A 9 -1.09 8.63 21.90
CA PHE A 9 -2.35 9.28 22.29
C PHE A 9 -3.15 8.23 23.03
N TYR A 10 -3.52 8.48 24.28
CA TYR A 10 -4.37 7.57 25.06
C TYR A 10 -5.73 8.21 25.25
N THR A 11 -6.80 7.42 25.13
CA THR A 11 -8.14 7.85 25.58
C THR A 11 -8.69 6.86 26.61
N SER A 12 -9.16 7.34 27.75
CA SER A 12 -9.91 6.49 28.71
C SER A 12 -11.30 7.07 28.89
N VAL A 13 -12.32 6.25 28.77
CA VAL A 13 -13.74 6.69 28.79
C VAL A 13 -14.44 5.85 29.84
N SER A 14 -14.85 6.48 30.95
CA SER A 14 -15.57 5.81 32.06
C SER A 14 -16.99 5.47 31.61
N ARG A 15 -17.55 4.40 32.16
CA ARG A 15 -18.97 3.99 31.94
C ARG A 15 -19.75 4.15 33.24
N PRO A 16 -21.07 4.45 33.19
CA PRO A 16 -21.88 4.53 34.40
C PRO A 16 -22.27 3.11 34.80
N GLY A 17 -21.47 2.46 35.66
CA GLY A 17 -21.61 1.04 36.03
C GLY A 17 -21.88 0.15 34.83
N ARG A 18 -21.14 0.36 33.72
CA ARG A 18 -21.21 -0.49 32.50
C ARG A 18 -19.82 -1.11 32.31
N GLY A 19 -19.20 -1.51 33.43
CA GLY A 19 -17.85 -2.08 33.49
C GLY A 19 -16.81 -1.00 33.76
N GLU A 20 -15.54 -1.35 33.69
CA GLU A 20 -14.44 -0.39 33.94
C GLU A 20 -14.24 0.43 32.67
N PRO A 21 -13.50 1.56 32.73
CA PRO A 21 -13.27 2.38 31.54
C PRO A 21 -12.58 1.62 30.40
N ARG A 22 -12.99 1.93 29.17
CA ARG A 22 -12.29 1.49 27.94
C ARG A 22 -11.03 2.33 27.80
N PHE A 23 -9.89 1.71 27.47
CA PHE A 23 -8.59 2.37 27.20
C PHE A 23 -8.18 2.11 25.74
N ILE A 24 -7.91 3.16 24.97
CA ILE A 24 -7.41 3.01 23.57
C ILE A 24 -6.12 3.84 23.43
N SER A 25 -5.10 3.24 22.85
CA SER A 25 -3.81 3.91 22.56
C SER A 25 -3.55 3.83 21.08
N VAL A 26 -3.00 4.88 20.50
CA VAL A 26 -2.43 4.83 19.13
C VAL A 26 -1.02 5.40 19.27
N GLY A 27 -0.08 4.84 18.54
CA GLY A 27 1.26 5.42 18.36
C GLY A 27 1.42 5.97 16.96
N TYR A 28 2.02 7.15 16.84
CA TYR A 28 2.28 7.81 15.55
C TYR A 28 3.76 8.15 15.48
N VAL A 29 4.39 7.93 14.32
CA VAL A 29 5.66 8.61 13.94
C VAL A 29 5.29 9.56 12.81
N ASP A 30 5.45 10.87 13.05
CA ASP A 30 4.98 11.94 12.12
C ASP A 30 3.48 11.70 11.87
N ASP A 31 3.06 11.47 10.62
CA ASP A 31 1.63 11.37 10.23
C ASP A 31 1.27 9.91 9.96
N THR A 32 2.13 8.98 10.37
CA THR A 32 1.93 7.52 10.21
C THR A 32 1.66 6.88 11.57
N GLN A 33 0.52 6.20 11.67
CA GLN A 33 0.15 5.31 12.79
C GLN A 33 0.87 3.98 12.57
N PHE A 34 1.54 3.47 13.62
CA PHE A 34 2.34 2.22 13.54
C PHE A 34 1.84 1.21 14.56
N VAL A 35 1.14 1.63 15.64
CA VAL A 35 0.68 0.67 16.69
C VAL A 35 -0.70 1.06 17.21
N ARG A 36 -1.34 0.11 17.89
CA ARG A 36 -2.61 0.39 18.57
C ARG A 36 -2.78 -0.60 19.72
N PHE A 37 -3.61 -0.23 20.69
CA PHE A 37 -4.07 -1.08 21.81
C PHE A 37 -5.49 -0.67 22.15
N ASP A 38 -6.39 -1.63 22.25
CA ASP A 38 -7.81 -1.40 22.61
C ASP A 38 -8.16 -2.38 23.75
N SER A 39 -8.53 -1.87 24.92
CA SER A 39 -8.83 -2.71 26.11
C SER A 39 -10.11 -3.53 25.89
N ASP A 40 -10.98 -3.08 24.97
CA ASP A 40 -12.27 -3.75 24.66
C ASP A 40 -12.09 -4.81 23.57
N ALA A 41 -10.90 -5.02 23.02
CA ALA A 41 -10.65 -6.11 22.05
C ALA A 41 -10.71 -7.42 22.82
N ALA A 42 -11.17 -8.50 22.19
CA ALA A 42 -11.35 -9.84 22.80
C ALA A 42 -10.08 -10.21 23.57
N SER A 43 -8.92 -10.13 22.91
CA SER A 43 -7.58 -10.41 23.48
C SER A 43 -6.73 -9.15 23.34
N PRO A 44 -6.78 -8.21 24.32
CA PRO A 44 -6.12 -6.91 24.19
C PRO A 44 -4.60 -7.00 24.13
N ARG A 45 -4.04 -6.54 23.02
CA ARG A 45 -2.58 -6.66 22.76
C ARG A 45 -2.19 -5.50 21.86
N GLU A 46 -1.00 -4.94 22.07
CA GLU A 46 -0.47 -3.98 21.07
C GLU A 46 -0.43 -4.69 19.72
N GLU A 47 -0.94 -4.07 18.67
CA GLU A 47 -0.90 -4.64 17.31
C GLU A 47 -0.25 -3.64 16.36
N PRO A 48 0.46 -4.12 15.32
CA PRO A 48 1.08 -3.26 14.30
C PRO A 48 0.09 -2.62 13.29
N ARG A 49 0.36 -1.39 12.86
CA ARG A 49 -0.46 -0.58 11.94
C ARG A 49 0.36 -0.05 10.75
N ALA A 50 1.69 -0.18 10.76
CA ALA A 50 2.56 0.14 9.61
C ALA A 50 3.42 -1.07 9.34
N PRO A 51 3.88 -1.27 8.08
CA PRO A 51 4.72 -2.39 7.72
C PRO A 51 6.10 -2.41 8.39
N TRP A 52 6.70 -1.25 8.64
CA TRP A 52 8.08 -1.15 9.19
C TRP A 52 8.16 -1.48 10.69
N ILE A 53 7.05 -1.64 11.42
CA ILE A 53 7.13 -1.96 12.88
C ILE A 53 7.11 -3.47 13.01
N GLU A 54 6.77 -4.17 11.92
CA GLU A 54 6.60 -5.64 11.86
C GLU A 54 7.98 -6.34 11.88
N GLN A 55 9.08 -5.61 11.67
CA GLN A 55 10.45 -6.12 11.95
C GLN A 55 10.51 -6.57 13.41
N GLU A 56 9.93 -5.79 14.34
CA GLU A 56 9.95 -6.05 15.80
C GLU A 56 9.39 -7.45 16.05
N GLY A 57 10.05 -8.21 16.93
CA GLY A 57 9.71 -9.61 17.22
C GLY A 57 8.67 -9.73 18.35
N PRO A 58 8.31 -10.97 18.73
CA PRO A 58 7.30 -11.26 19.76
C PRO A 58 7.54 -10.56 21.11
N GLU A 59 8.81 -10.38 21.47
CA GLU A 59 9.16 -9.79 22.80
C GLU A 59 8.75 -8.30 22.84
N TYR A 60 8.63 -7.62 21.70
CA TYR A 60 8.25 -6.17 21.69
C TYR A 60 6.74 -6.01 21.96
N TRP A 61 5.89 -6.80 21.33
CA TRP A 61 4.43 -6.69 21.50
C TRP A 61 4.03 -7.10 22.93
N ASP A 62 4.66 -8.16 23.45
CA ASP A 62 4.37 -8.65 24.82
C ASP A 62 4.69 -7.53 25.82
N ARG A 63 5.84 -6.85 25.65
CA ARG A 63 6.33 -5.83 26.59
C ARG A 63 5.39 -4.60 26.60
N ASN A 64 5.02 -4.09 25.42
CA ASN A 64 4.20 -2.87 25.27
C ASN A 64 2.78 -3.16 25.78
N THR A 65 2.28 -4.37 25.57
CA THR A 65 0.97 -4.81 26.14
C THR A 65 1.00 -4.66 27.68
N GLN A 66 2.13 -4.94 28.35
CA GLN A 66 2.25 -4.79 29.82
C GLN A 66 1.96 -3.31 30.14
N ILE A 67 2.61 -2.40 29.40
CA ILE A 67 2.56 -0.94 29.65
C ILE A 67 1.12 -0.43 29.47
N TYR A 68 0.42 -0.79 28.39
CA TYR A 68 -0.96 -0.25 28.14
C TYR A 68 -1.93 -0.77 29.20
N LYS A 69 -1.83 -2.05 29.57
CA LYS A 69 -2.67 -2.71 30.61
C LYS A 69 -2.47 -2.00 31.95
N ALA A 70 -1.23 -1.69 32.36
CA ALA A 70 -0.92 -0.92 33.58
C ALA A 70 -1.50 0.50 33.50
N GLN A 71 -1.35 1.16 32.34
CA GLN A 71 -1.85 2.54 32.08
C GLN A 71 -3.38 2.52 32.10
N ALA A 72 -4.02 1.48 31.56
CA ALA A 72 -5.50 1.35 31.65
C ALA A 72 -5.94 1.36 33.13
N GLN A 73 -5.24 0.63 33.99
CA GLN A 73 -5.51 0.55 35.45
C GLN A 73 -5.24 1.91 36.09
N THR A 74 -4.15 2.56 35.68
CA THR A 74 -3.75 3.90 36.19
C THR A 74 -4.81 4.94 35.83
N ASP A 75 -5.30 4.92 34.60
CA ASP A 75 -6.33 5.86 34.10
C ASP A 75 -7.60 5.61 34.91
N ARG A 76 -7.95 4.35 35.15
CA ARG A 76 -9.20 4.01 35.90
C ARG A 76 -9.15 4.72 37.27
N GLU A 77 -8.01 4.66 37.94
CA GLU A 77 -7.82 5.28 39.28
C GLU A 77 -7.91 6.80 39.12
N SER A 78 -7.25 7.34 38.08
CA SER A 78 -7.24 8.79 37.74
C SER A 78 -8.67 9.29 37.51
N LEU A 79 -9.50 8.53 36.81
CA LEU A 79 -10.91 8.90 36.57
C LEU A 79 -11.69 8.97 37.90
N ARG A 80 -11.52 7.99 38.81
CA ARG A 80 -12.19 7.97 40.14
C ARG A 80 -11.86 9.28 40.90
N ASN A 81 -10.57 9.62 40.99
CA ASN A 81 -10.07 10.84 41.65
C ASN A 81 -10.63 12.10 40.97
N LEU A 82 -10.64 12.16 39.64
CA LEU A 82 -11.10 13.37 38.92
C LEU A 82 -12.54 13.68 39.32
N ARG A 83 -13.41 12.67 39.36
CA ARG A 83 -14.84 12.79 39.78
C ARG A 83 -14.92 13.49 41.15
N GLY A 84 -14.04 13.11 42.06
CA GLY A 84 -13.95 13.70 43.41
C GLY A 84 -13.49 15.15 43.35
N TYR A 85 -12.43 15.44 42.60
CA TYR A 85 -11.92 16.83 42.48
C TYR A 85 -13.04 17.77 42.03
N TYR A 86 -13.88 17.32 41.11
CA TYR A 86 -14.91 18.16 40.48
C TYR A 86 -16.27 17.94 41.15
N ASN A 87 -16.39 16.96 42.04
CA ASN A 87 -17.64 16.62 42.79
C ASN A 87 -18.73 16.24 41.79
N GLN A 88 -18.39 15.39 40.84
CA GLN A 88 -19.30 14.93 39.77
C GLN A 88 -19.97 13.66 40.24
N SER A 89 -21.17 13.36 39.75
CA SER A 89 -21.91 12.14 40.11
C SER A 89 -21.23 10.93 39.45
N GLU A 90 -21.37 9.76 40.08
CA GLU A 90 -20.81 8.47 39.62
C GLU A 90 -21.63 8.00 38.41
N ALA A 91 -22.77 8.64 38.16
CA ALA A 91 -23.70 8.35 37.04
C ALA A 91 -23.05 8.73 35.70
N GLY A 92 -22.39 9.89 35.63
CA GLY A 92 -21.89 10.46 34.36
C GLY A 92 -20.71 9.70 33.78
N SER A 93 -20.64 9.60 32.43
CA SER A 93 -19.45 9.13 31.65
C SER A 93 -18.43 10.26 31.52
N HIS A 94 -17.15 9.97 31.74
CA HIS A 94 -16.07 10.99 31.68
C HIS A 94 -14.89 10.53 30.82
N THR A 95 -14.12 11.49 30.30
CA THR A 95 -13.01 11.22 29.37
C THR A 95 -11.71 11.81 29.91
N LEU A 96 -10.69 10.96 30.02
CA LEU A 96 -9.27 11.35 30.26
C LEU A 96 -8.47 11.04 29.00
N GLN A 97 -7.82 12.03 28.42
CA GLN A 97 -6.98 11.86 27.22
C GLN A 97 -5.55 12.18 27.65
N SER A 98 -4.56 11.48 27.13
CA SER A 98 -3.13 11.83 27.29
C SER A 98 -2.46 11.89 25.93
N MET A 99 -1.44 12.73 25.82
CA MET A 99 -0.58 12.79 24.63
C MET A 99 0.85 13.01 25.13
N TYR A 100 1.81 12.22 24.69
CA TYR A 100 3.23 12.47 25.08
C TYR A 100 4.12 12.06 23.92
N GLY A 101 5.36 12.55 23.91
CA GLY A 101 6.30 12.14 22.87
C GLY A 101 7.43 13.13 22.68
N CYS A 102 8.29 12.85 21.70
CA CYS A 102 9.52 13.62 21.48
C CYS A 102 9.59 14.10 20.03
N ASP A 103 10.23 15.23 19.80
CA ASP A 103 10.59 15.73 18.46
C ASP A 103 12.11 15.65 18.38
N VAL A 104 12.64 15.12 17.27
CA VAL A 104 14.11 15.07 17.03
C VAL A 104 14.42 15.84 15.76
N GLY A 105 15.68 16.25 15.60
CA GLY A 105 16.16 16.91 14.39
C GLY A 105 16.73 15.88 13.42
N PRO A 106 17.36 16.33 12.33
CA PRO A 106 17.99 15.43 11.36
C PRO A 106 19.14 14.59 11.95
N ASP A 107 19.85 15.11 12.95
CA ASP A 107 20.96 14.37 13.61
C ASP A 107 20.41 13.39 14.65
N GLY A 108 19.10 13.43 14.94
CA GLY A 108 18.43 12.51 15.87
C GLY A 108 18.55 12.95 17.31
N ARG A 109 18.81 14.24 17.55
CA ARG A 109 18.94 14.80 18.92
C ARG A 109 17.60 15.44 19.31
N LEU A 110 17.19 15.27 20.57
CA LEU A 110 15.90 15.81 21.07
C LEU A 110 15.81 17.31 20.77
N LEU A 111 14.69 17.74 20.21
CA LEU A 111 14.34 19.16 19.97
C LEU A 111 13.36 19.63 21.05
N ARG A 112 12.43 18.76 21.46
CA ARG A 112 11.27 19.11 22.32
C ARG A 112 10.52 17.87 22.84
N GLY A 113 10.17 17.87 24.13
CA GLY A 113 9.44 16.79 24.81
C GLY A 113 8.02 17.25 25.11
N HIS A 114 7.02 16.36 25.06
CA HIS A 114 5.60 16.68 25.34
C HIS A 114 5.00 15.65 26.30
N ASP A 115 4.11 16.10 27.19
CA ASP A 115 3.33 15.22 28.07
C ASP A 115 2.18 16.05 28.64
N GLN A 116 0.95 15.88 28.15
CA GLN A 116 -0.21 16.66 28.68
C GLN A 116 -1.47 15.82 28.69
N TYR A 117 -2.45 16.27 29.46
CA TYR A 117 -3.70 15.54 29.74
C TYR A 117 -4.88 16.47 29.46
N ALA A 118 -6.02 15.87 29.14
CA ALA A 118 -7.30 16.57 28.93
C ALA A 118 -8.38 15.82 29.67
N TYR A 119 -9.18 16.51 30.47
CA TYR A 119 -10.37 15.94 31.13
C TYR A 119 -11.62 16.55 30.52
N ASP A 120 -12.52 15.70 30.02
CA ASP A 120 -13.78 16.11 29.36
C ASP A 120 -13.51 17.24 28.35
N GLY A 121 -12.48 17.08 27.50
CA GLY A 121 -12.23 17.93 26.32
C GLY A 121 -11.56 19.24 26.67
N LYS A 122 -11.16 19.44 27.94
CA LYS A 122 -10.47 20.68 28.38
C LYS A 122 -9.05 20.30 28.74
N ASP A 123 -8.09 21.18 28.50
CA ASP A 123 -6.71 21.12 29.04
C ASP A 123 -6.78 20.84 30.54
N TYR A 124 -6.09 19.82 31.05
CA TYR A 124 -6.04 19.54 32.50
C TYR A 124 -4.67 19.90 33.09
N ILE A 125 -3.61 19.17 32.76
CA ILE A 125 -2.22 19.47 33.23
C ILE A 125 -1.26 19.23 32.07
N ALA A 126 -0.18 20.01 31.96
CA ALA A 126 0.83 19.90 30.88
C ALA A 126 2.25 20.04 31.43
N LEU A 127 3.15 19.15 31.04
CA LEU A 127 4.58 19.26 31.40
C LEU A 127 5.13 20.47 30.66
N ASN A 128 5.84 21.35 31.36
CA ASN A 128 6.39 22.58 30.74
C ASN A 128 7.57 22.20 29.83
N GLU A 129 7.88 23.09 28.89
CA GLU A 129 8.99 22.97 27.94
C GLU A 129 10.28 22.50 28.65
N ASP A 130 10.53 22.94 29.89
CA ASP A 130 11.78 22.61 30.62
C ASP A 130 11.78 21.16 31.08
N LEU A 131 10.61 20.50 31.08
CA LEU A 131 10.37 19.09 31.52
C LEU A 131 10.65 18.95 33.02
N ARG A 132 10.53 20.02 33.79
CA ARG A 132 10.76 19.93 35.27
C ARG A 132 9.52 20.40 36.04
N SER A 133 8.66 21.20 35.41
CA SER A 133 7.46 21.76 36.06
C SER A 133 6.20 21.48 35.23
N TRP A 134 5.05 21.74 35.86
CA TRP A 134 3.69 21.48 35.35
C TRP A 134 2.88 22.78 35.36
N THR A 135 2.12 23.01 34.31
CA THR A 135 1.09 24.09 34.26
C THR A 135 -0.28 23.45 34.49
N ALA A 136 -0.95 23.79 35.58
CA ALA A 136 -2.30 23.31 35.95
C ALA A 136 -3.30 24.31 35.39
N ALA A 137 -4.39 23.82 34.80
CA ALA A 137 -5.39 24.66 34.10
C ALA A 137 -6.43 25.22 35.10
N ASP A 138 -6.56 24.60 36.28
CA ASP A 138 -7.61 24.94 37.29
C ASP A 138 -7.21 24.38 38.65
N THR A 139 -8.09 24.51 39.63
CA THR A 139 -7.82 24.18 41.05
C THR A 139 -7.78 22.67 41.24
N ALA A 140 -8.47 21.88 40.43
CA ALA A 140 -8.42 20.40 40.54
C ALA A 140 -7.03 19.95 40.07
N ALA A 141 -6.52 20.59 39.01
CA ALA A 141 -5.20 20.22 38.43
C ALA A 141 -4.12 20.54 39.47
N GLN A 142 -4.32 21.52 40.34
CA GLN A 142 -3.29 21.91 41.36
C GLN A 142 -3.08 20.75 42.34
N ILE A 143 -4.15 20.01 42.66
CA ILE A 143 -4.07 18.81 43.54
C ILE A 143 -3.15 17.78 42.87
N THR A 144 -3.35 17.57 41.57
CA THR A 144 -2.50 16.66 40.76
C THR A 144 -1.06 17.22 40.75
N GLN A 145 -0.92 18.51 40.47
CA GLN A 145 0.39 19.18 40.44
C GLN A 145 1.12 18.89 41.77
N ARG A 146 0.45 19.11 42.90
CA ARG A 146 1.02 18.99 44.26
C ARG A 146 1.47 17.54 44.50
N LYS A 147 0.60 16.55 44.26
CA LYS A 147 0.88 15.09 44.33
C LYS A 147 2.15 14.75 43.54
N TRP A 148 2.21 15.24 42.29
CA TRP A 148 3.26 14.89 41.30
C TRP A 148 4.56 15.62 41.66
N GLU A 149 4.48 16.81 42.25
CA GLU A 149 5.70 17.54 42.69
C GLU A 149 6.31 16.75 43.86
N ALA A 150 5.47 16.27 44.76
CA ALA A 150 5.87 15.41 45.89
C ALA A 150 6.47 14.12 45.33
N ALA A 151 5.85 13.54 44.30
CA ALA A 151 6.25 12.20 43.78
C ALA A 151 7.39 12.33 42.77
N ARG A 152 7.86 13.53 42.47
CA ARG A 152 8.98 13.77 41.50
C ARG A 152 8.64 13.11 40.15
N GLU A 153 7.38 13.24 39.71
CA GLU A 153 6.82 12.59 38.50
C GLU A 153 7.53 13.13 37.24
N ALA A 154 7.74 14.45 37.16
CA ALA A 154 8.32 15.16 35.99
C ALA A 154 9.67 14.56 35.63
N GLU A 155 10.47 14.23 36.64
CA GLU A 155 11.84 13.64 36.50
C GLU A 155 11.73 12.29 35.77
N GLN A 156 10.78 11.43 36.14
CA GLN A 156 10.52 10.14 35.45
C GLN A 156 10.07 10.39 34.00
N ARG A 157 9.22 11.40 33.76
CA ARG A 157 8.65 11.72 32.41
C ARG A 157 9.79 12.27 31.56
N ARG A 158 10.64 13.10 32.15
CA ARG A 158 11.83 13.67 31.48
C ARG A 158 12.79 12.53 31.10
N ALA A 159 12.96 11.52 31.94
CA ALA A 159 13.92 10.43 31.65
C ALA A 159 13.46 9.73 30.37
N TYR A 160 12.16 9.45 30.27
CA TYR A 160 11.59 8.78 29.08
C TYR A 160 11.69 9.69 27.85
N LEU A 161 11.28 10.96 27.96
CA LEU A 161 11.21 11.90 26.82
C LEU A 161 12.58 12.19 26.20
N GLU A 162 13.63 12.34 27.01
CA GLU A 162 15.01 12.69 26.54
C GLU A 162 15.79 11.42 26.17
N GLY A 163 15.37 10.25 26.65
CA GLY A 163 16.17 9.03 26.47
C GLY A 163 15.48 8.01 25.60
N GLU A 164 14.69 7.14 26.24
CA GLU A 164 13.90 6.06 25.61
C GLU A 164 13.20 6.57 24.36
N CYS A 165 12.50 7.71 24.44
CA CYS A 165 11.62 8.21 23.36
C CYS A 165 12.44 8.45 22.13
N VAL A 166 13.56 9.17 22.32
CA VAL A 166 14.54 9.54 21.26
C VAL A 166 15.12 8.25 20.64
N GLU A 167 15.50 7.26 21.47
CA GLU A 167 16.18 6.03 21.01
C GLU A 167 15.20 5.17 20.21
N TRP A 168 13.94 5.09 20.63
CA TRP A 168 12.93 4.31 19.88
C TRP A 168 12.69 4.97 18.51
N LEU A 169 12.52 6.29 18.46
CA LEU A 169 12.20 7.06 17.24
C LEU A 169 13.36 6.92 16.26
N ARG A 170 14.58 6.87 16.79
CA ARG A 170 15.80 6.70 15.95
C ARG A 170 15.73 5.31 15.33
N ARG A 171 15.40 4.30 16.13
CA ARG A 171 15.31 2.90 15.64
C ARG A 171 14.26 2.79 14.51
N TYR A 172 13.09 3.43 14.69
CA TYR A 172 11.99 3.33 13.69
C TYR A 172 12.36 4.05 12.39
N LEU A 173 13.06 5.17 12.52
CA LEU A 173 13.54 5.99 11.37
C LEU A 173 14.64 5.26 10.58
N GLU A 174 15.38 4.35 11.22
CA GLU A 174 16.33 3.48 10.48
C GLU A 174 15.54 2.32 9.84
N ASN A 175 14.54 1.76 10.51
CA ASN A 175 13.83 0.55 10.00
C ASN A 175 12.79 0.93 8.93
N GLY A 176 12.10 2.05 9.10
CA GLY A 176 11.10 2.50 8.13
C GLY A 176 11.59 3.72 7.37
N LYS A 177 12.88 3.77 7.05
CA LYS A 177 13.60 4.95 6.51
C LYS A 177 12.90 5.43 5.22
N ASP A 178 12.69 4.55 4.25
CA ASP A 178 12.12 4.97 2.94
C ASP A 178 10.61 5.21 3.01
N LYS A 179 9.87 4.75 4.03
CA LYS A 179 8.43 5.16 4.16
C LYS A 179 8.31 6.40 5.07
N LEU A 180 9.24 6.62 6.00
CA LEU A 180 9.12 7.72 6.98
C LEU A 180 9.85 8.95 6.47
N GLU A 181 10.87 8.79 5.63
CA GLU A 181 11.57 9.99 5.10
C GLU A 181 11.12 10.22 3.65
N ARG A 182 10.11 9.48 3.18
CA ARG A 182 9.47 9.72 1.85
C ARG A 182 8.62 10.99 1.96
N ALA A 183 8.46 11.68 0.85
CA ALA A 183 7.41 12.68 0.65
C ALA A 183 6.67 12.29 -0.61
N ASP A 184 5.46 11.75 -0.48
CA ASP A 184 4.58 11.48 -1.63
C ASP A 184 4.06 12.82 -2.13
N PRO A 185 4.35 13.19 -3.38
CA PRO A 185 3.81 14.42 -3.94
C PRO A 185 2.32 14.19 -4.18
N PRO A 186 1.46 15.22 -4.05
CA PRO A 186 0.04 15.10 -4.44
C PRO A 186 -0.23 14.95 -5.94
N LYS A 187 -1.15 14.06 -6.34
CA LYS A 187 -1.78 14.05 -7.69
C LYS A 187 -2.76 15.22 -7.74
N THR A 188 -2.57 16.21 -8.62
CA THR A 188 -3.38 17.46 -8.63
C THR A 188 -4.22 17.57 -9.89
N HIS A 189 -5.45 18.07 -9.76
CA HIS A 189 -6.34 18.34 -10.90
C HIS A 189 -7.39 19.37 -10.50
N VAL A 190 -7.93 20.07 -11.50
CA VAL A 190 -9.01 21.06 -11.28
C VAL A 190 -10.27 20.55 -11.97
N THR A 191 -11.42 20.71 -11.32
CA THR A 191 -12.74 20.31 -11.87
C THR A 191 -13.60 21.57 -11.97
N HIS A 192 -14.61 21.57 -12.83
CA HIS A 192 -15.48 22.74 -13.09
C HIS A 192 -16.94 22.32 -12.93
N HIS A 193 -17.69 22.99 -12.08
CA HIS A 193 -19.13 22.69 -11.81
C HIS A 193 -19.91 23.97 -11.95
N PRO A 194 -20.73 24.14 -13.01
CA PRO A 194 -21.56 25.35 -13.17
C PRO A 194 -22.57 25.43 -12.02
N ILE A 195 -22.68 26.60 -11.38
CA ILE A 195 -23.69 26.84 -10.32
C ILE A 195 -24.99 27.19 -11.04
N SER A 196 -24.85 28.16 -11.93
CA SER A 196 -25.96 28.87 -12.60
C SER A 196 -25.48 29.30 -13.98
N ASP A 197 -26.26 30.17 -14.57
CA ASP A 197 -26.00 30.85 -15.84
C ASP A 197 -24.75 31.74 -15.71
N HIS A 198 -24.55 32.37 -14.54
CA HIS A 198 -23.54 33.43 -14.29
C HIS A 198 -22.28 32.93 -13.54
N GLU A 199 -22.36 31.90 -12.70
CA GLU A 199 -21.15 31.53 -11.96
C GLU A 199 -20.86 30.02 -12.00
N ALA A 200 -19.57 29.67 -11.88
CA ALA A 200 -19.13 28.26 -11.86
C ALA A 200 -18.17 28.05 -10.66
N THR A 201 -18.15 26.84 -10.12
CA THR A 201 -17.18 26.44 -9.06
C THR A 201 -15.94 25.84 -9.73
N LEU A 202 -14.77 26.30 -9.32
CA LEU A 202 -13.47 25.68 -9.70
C LEU A 202 -12.94 24.99 -8.44
N ARG A 203 -12.78 23.68 -8.49
CA ARG A 203 -12.30 22.88 -7.33
C ARG A 203 -10.90 22.35 -7.63
N CYS A 204 -9.93 22.73 -6.80
CA CYS A 204 -8.53 22.28 -6.91
C CYS A 204 -8.31 21.10 -5.96
N TRP A 205 -7.96 19.95 -6.53
CA TRP A 205 -7.74 18.68 -5.80
C TRP A 205 -6.24 18.41 -5.57
N ALA A 206 -5.93 17.87 -4.40
CA ALA A 206 -4.62 17.30 -4.02
C ALA A 206 -4.92 15.94 -3.43
N LEU A 207 -4.39 14.86 -4.03
CA LEU A 207 -4.69 13.47 -3.60
C LEU A 207 -3.40 12.68 -3.41
N GLY A 208 -3.48 11.69 -2.55
CA GLY A 208 -2.43 10.69 -2.34
C GLY A 208 -1.14 11.33 -1.87
N PHE A 209 -1.19 12.37 -1.03
CA PHE A 209 0.06 13.03 -0.57
C PHE A 209 0.37 12.64 0.88
N TYR A 210 1.66 12.66 1.23
CA TYR A 210 2.21 12.44 2.59
C TYR A 210 3.45 13.30 2.75
N PRO A 211 3.67 14.07 3.86
CA PRO A 211 2.75 14.14 5.01
C PRO A 211 1.52 15.03 4.81
N ALA A 212 0.65 15.14 5.84
CA ALA A 212 -0.68 15.80 5.75
C ALA A 212 -0.55 17.29 5.45
N GLU A 213 0.48 17.94 5.99
CA GLU A 213 0.72 19.40 5.85
C GLU A 213 0.72 19.77 4.35
N ILE A 214 -0.07 20.75 3.95
CA ILE A 214 -0.22 21.14 2.52
C ILE A 214 -0.89 22.51 2.47
N THR A 215 -0.61 23.28 1.40
CA THR A 215 -1.27 24.58 1.15
C THR A 215 -1.81 24.60 -0.27
N LEU A 216 -3.13 24.78 -0.35
CA LEU A 216 -3.87 24.99 -1.62
C LEU A 216 -4.34 26.45 -1.62
N THR A 217 -4.01 27.18 -2.66
CA THR A 217 -4.36 28.63 -2.73
C THR A 217 -4.81 28.94 -4.14
N TRP A 218 -5.95 29.59 -4.27
CA TRP A 218 -6.46 30.00 -5.59
C TRP A 218 -5.99 31.41 -5.90
N GLN A 219 -5.54 31.62 -7.12
CA GLN A 219 -5.09 32.98 -7.48
C GLN A 219 -5.83 33.44 -8.74
N ARG A 220 -6.25 34.70 -8.76
CA ARG A 220 -6.83 35.29 -9.98
C ARG A 220 -5.83 36.33 -10.47
N ASP A 221 -5.22 36.08 -11.63
CA ASP A 221 -4.16 36.97 -12.18
C ASP A 221 -3.06 37.16 -11.13
N GLY A 222 -2.62 36.06 -10.48
CA GLY A 222 -1.54 36.09 -9.48
C GLY A 222 -1.95 36.72 -8.17
N GLU A 223 -3.23 36.89 -7.90
CA GLU A 223 -3.66 37.57 -6.65
C GLU A 223 -4.46 36.60 -5.77
N ASP A 224 -4.16 36.56 -4.46
CA ASP A 224 -4.81 35.62 -3.52
C ASP A 224 -6.31 35.83 -3.38
N GLN A 225 -7.07 34.74 -3.36
CA GLN A 225 -8.53 34.82 -3.21
C GLN A 225 -8.91 33.93 -2.04
N THR A 226 -7.99 33.81 -1.10
CA THR A 226 -8.22 32.91 0.07
C THR A 226 -9.50 33.34 0.78
N GLN A 227 -9.90 34.61 0.65
CA GLN A 227 -11.15 35.17 1.22
C GLN A 227 -12.37 34.47 0.62
N ASP A 228 -12.37 34.09 -0.66
CA ASP A 228 -13.56 33.52 -1.33
C ASP A 228 -13.39 32.01 -1.51
N THR A 229 -12.29 31.44 -1.00
CA THR A 229 -11.93 30.01 -1.12
C THR A 229 -12.63 29.19 -0.02
N GLU A 230 -13.38 28.15 -0.37
CA GLU A 230 -13.83 27.11 0.60
C GLU A 230 -12.74 26.02 0.65
N LEU A 231 -12.17 25.78 1.83
CA LEU A 231 -11.14 24.73 2.06
C LEU A 231 -11.82 23.61 2.83
N VAL A 232 -11.78 22.36 2.36
CA VAL A 232 -12.17 21.24 3.25
C VAL A 232 -10.99 20.95 4.17
N GLU A 233 -11.29 20.38 5.33
CA GLU A 233 -10.25 19.82 6.22
C GLU A 233 -9.51 18.69 5.48
N THR A 234 -8.19 18.65 5.62
CA THR A 234 -7.31 17.53 5.14
C THR A 234 -7.81 16.24 5.78
N ARG A 235 -7.93 15.19 4.97
CA ARG A 235 -8.69 13.94 5.28
C ARG A 235 -7.85 12.75 4.84
N PRO A 236 -7.88 11.64 5.61
CA PRO A 236 -7.19 10.42 5.22
C PRO A 236 -7.88 9.71 4.05
N ALA A 237 -7.10 9.26 3.09
CA ALA A 237 -7.57 8.48 1.93
C ALA A 237 -7.87 7.07 2.39
N GLY A 238 -7.20 6.63 3.48
CA GLY A 238 -7.32 5.29 4.06
C GLY A 238 -6.14 4.41 3.69
N ASP A 239 -5.17 4.92 2.95
CA ASP A 239 -3.97 4.13 2.52
C ASP A 239 -2.73 4.82 3.09
N ARG A 240 -2.91 5.60 4.16
CA ARG A 240 -1.88 6.43 4.85
C ARG A 240 -1.58 7.72 4.10
N THR A 241 -2.19 7.98 2.93
CA THR A 241 -2.00 9.27 2.25
C THR A 241 -3.21 10.13 2.57
N PHE A 242 -3.14 11.41 2.21
CA PHE A 242 -4.17 12.40 2.52
C PHE A 242 -4.71 12.96 1.21
N GLN A 243 -5.80 13.69 1.33
CA GLN A 243 -6.47 14.45 0.26
C GLN A 243 -6.85 15.81 0.84
N LYS A 244 -7.04 16.78 -0.03
CA LYS A 244 -7.64 18.08 0.29
C LYS A 244 -8.18 18.69 -0.99
N TRP A 245 -9.11 19.60 -0.88
CA TRP A 245 -9.52 20.41 -2.05
C TRP A 245 -9.84 21.82 -1.63
N ALA A 246 -9.71 22.69 -2.61
CA ALA A 246 -9.96 24.14 -2.50
C ALA A 246 -10.97 24.48 -3.59
N ALA A 247 -12.04 25.19 -3.29
CA ALA A 247 -13.06 25.57 -4.28
C ALA A 247 -13.24 27.07 -4.22
N VAL A 248 -13.39 27.71 -5.38
CA VAL A 248 -13.69 29.16 -5.50
C VAL A 248 -14.83 29.34 -6.50
N VAL A 249 -15.80 30.20 -6.18
CA VAL A 249 -16.92 30.52 -7.11
C VAL A 249 -16.47 31.67 -8.01
N VAL A 250 -16.42 31.41 -9.31
CA VAL A 250 -15.93 32.40 -10.30
C VAL A 250 -17.03 32.71 -11.30
N PRO A 251 -16.95 33.88 -11.97
CA PRO A 251 -17.90 34.23 -13.02
C PRO A 251 -17.68 33.36 -14.27
N SER A 252 -18.74 32.96 -14.95
CA SER A 252 -18.61 32.14 -16.18
C SER A 252 -17.82 32.94 -17.22
N GLY A 253 -16.83 32.32 -17.86
CA GLY A 253 -15.97 33.01 -18.84
C GLY A 253 -14.73 33.63 -18.22
N GLU A 254 -14.53 33.59 -16.90
CA GLU A 254 -13.30 34.17 -16.30
C GLU A 254 -12.36 33.04 -15.80
N GLU A 255 -12.67 31.78 -16.12
CA GLU A 255 -12.00 30.56 -15.56
C GLU A 255 -10.48 30.57 -15.84
N GLN A 256 -10.08 30.92 -17.06
CA GLN A 256 -8.68 30.95 -17.55
C GLN A 256 -7.87 31.96 -16.76
N ARG A 257 -8.53 32.80 -15.96
CA ARG A 257 -7.82 33.80 -15.13
C ARG A 257 -7.48 33.19 -13.75
N TYR A 258 -7.84 31.93 -13.53
CA TYR A 258 -7.66 31.37 -12.18
C TYR A 258 -6.61 30.27 -12.15
N THR A 259 -5.72 30.38 -11.18
CA THR A 259 -4.65 29.37 -10.98
C THR A 259 -4.68 28.85 -9.54
N CYS A 260 -4.46 27.56 -9.41
CA CYS A 260 -4.37 26.92 -8.06
C CYS A 260 -2.90 26.71 -7.71
N HIS A 261 -2.49 27.19 -6.54
CA HIS A 261 -1.10 27.02 -6.06
C HIS A 261 -1.03 25.96 -4.95
N VAL A 262 -0.29 24.88 -5.21
CA VAL A 262 -0.07 23.74 -4.28
C VAL A 262 1.37 23.78 -3.74
N GLN A 263 1.52 24.02 -2.44
CA GLN A 263 2.82 23.87 -1.73
C GLN A 263 2.81 22.57 -0.93
N HIS A 264 3.75 21.66 -1.18
CA HIS A 264 3.90 20.39 -0.42
C HIS A 264 5.37 19.97 -0.42
N GLU A 265 5.84 19.39 0.71
CA GLU A 265 7.23 18.89 0.89
C GLU A 265 7.66 18.06 -0.34
N GLY A 266 6.76 17.24 -0.86
CA GLY A 266 7.02 16.33 -2.00
C GLY A 266 7.21 17.08 -3.30
N LEU A 267 6.81 18.34 -3.39
CA LEU A 267 6.99 19.18 -4.61
C LEU A 267 8.27 19.99 -4.45
N PRO A 268 9.19 19.97 -5.43
CA PRO A 268 10.43 20.74 -5.34
C PRO A 268 10.15 22.24 -5.12
N LYS A 269 9.21 22.77 -5.90
CA LYS A 269 8.72 24.15 -5.72
C LYS A 269 7.21 24.15 -5.92
N PRO A 270 6.52 25.24 -5.52
CA PRO A 270 5.07 25.32 -5.65
C PRO A 270 4.62 25.08 -7.10
N LEU A 271 3.53 24.34 -7.24
CA LEU A 271 3.00 23.83 -8.52
C LEU A 271 1.75 24.66 -8.89
N THR A 272 1.59 25.00 -10.17
CA THR A 272 0.55 25.95 -10.64
C THR A 272 -0.36 25.17 -11.57
N LEU A 273 -1.67 25.23 -11.31
CA LEU A 273 -2.68 24.47 -12.06
C LEU A 273 -3.75 25.41 -12.61
N ARG A 274 -4.37 25.02 -13.71
CA ARG A 274 -5.50 25.75 -14.31
C ARG A 274 -6.59 24.74 -14.68
N TRP A 275 -7.82 25.20 -14.83
CA TRP A 275 -8.88 24.33 -15.39
C TRP A 275 -8.54 23.99 -16.84
N GLU A 276 -8.57 22.69 -17.16
CA GLU A 276 -8.30 22.13 -18.51
C GLU A 276 -9.64 21.69 -19.08
N PRO A 277 -10.30 22.47 -19.96
CA PRO A 277 -11.53 22.03 -20.60
C PRO A 277 -11.24 20.98 -21.69
N GLU B 19 -18.96 14.42 30.23
CA GLU B 19 -19.50 15.68 30.78
C GLU B 19 -18.80 16.86 30.09
N ALA B 20 -18.83 18.01 30.75
CA ALA B 20 -18.15 19.27 30.37
C ALA B 20 -18.45 19.69 28.92
N ILE B 21 -17.40 19.88 28.15
CA ILE B 21 -17.41 20.31 26.73
C ILE B 21 -17.96 19.23 25.77
N GLN B 22 -18.69 19.68 24.75
CA GLN B 22 -19.24 18.83 23.66
C GLN B 22 -18.85 19.49 22.33
N ARG B 23 -18.44 18.71 21.35
CA ARG B 23 -18.06 19.29 20.04
C ARG B 23 -18.82 18.53 18.96
N THR B 24 -19.50 19.22 18.06
CA THR B 24 -20.32 18.59 17.00
C THR B 24 -19.36 18.07 15.94
N PRO B 25 -19.48 16.78 15.56
CA PRO B 25 -18.65 16.20 14.49
C PRO B 25 -18.83 16.80 13.10
N LYS B 26 -17.71 17.09 12.43
CA LYS B 26 -17.67 17.40 10.97
C LYS B 26 -17.66 16.06 10.24
N ILE B 27 -18.27 15.99 9.07
CA ILE B 27 -18.42 14.71 8.33
C ILE B 27 -17.95 14.95 6.90
N GLN B 28 -17.12 14.05 6.40
CA GLN B 28 -16.74 14.06 4.96
C GLN B 28 -16.97 12.65 4.40
N VAL B 29 -17.70 12.56 3.28
CA VAL B 29 -18.00 11.28 2.55
C VAL B 29 -17.34 11.36 1.18
N TYR B 30 -16.48 10.41 0.86
CA TYR B 30 -15.63 10.52 -0.35
C TYR B 30 -15.04 9.15 -0.64
N SER B 31 -14.49 9.01 -1.84
CA SER B 31 -13.79 7.79 -2.30
C SER B 31 -12.28 8.01 -2.16
N ARG B 32 -11.55 6.96 -1.83
CA ARG B 32 -10.08 6.97 -1.75
C ARG B 32 -9.50 7.41 -3.11
N HIS B 33 -10.06 6.85 -4.19
CA HIS B 33 -9.65 7.21 -5.57
C HIS B 33 -10.83 7.88 -6.27
N PRO B 34 -10.54 8.75 -7.25
CA PRO B 34 -11.59 9.32 -8.09
C PRO B 34 -12.49 8.20 -8.65
N ALA B 35 -13.79 8.39 -8.50
CA ALA B 35 -14.81 7.34 -8.79
C ALA B 35 -14.87 7.05 -10.29
N GLU B 36 -14.91 5.78 -10.65
CA GLU B 36 -15.09 5.31 -12.04
C GLU B 36 -16.13 4.20 -12.00
N ASN B 37 -17.24 4.33 -12.72
CA ASN B 37 -18.30 3.31 -12.76
C ASN B 37 -17.68 1.96 -13.13
N GLY B 38 -17.96 0.93 -12.34
CA GLY B 38 -17.49 -0.46 -12.52
C GLY B 38 -16.09 -0.68 -11.97
N LYS B 39 -15.42 0.34 -11.44
CA LYS B 39 -14.01 0.22 -10.96
C LYS B 39 -14.01 0.11 -9.42
N SER B 40 -13.35 -0.93 -8.89
CA SER B 40 -13.26 -1.21 -7.44
C SER B 40 -12.57 -0.04 -6.76
N ASN B 41 -13.10 0.41 -5.62
CA ASN B 41 -12.67 1.62 -4.88
C ASN B 41 -12.97 1.39 -3.38
N PHE B 42 -12.72 2.42 -2.58
CA PHE B 42 -13.04 2.43 -1.13
C PHE B 42 -13.90 3.65 -0.84
N LEU B 43 -15.04 3.45 -0.18
CA LEU B 43 -15.90 4.55 0.28
C LEU B 43 -15.48 4.87 1.72
N ASN B 44 -15.22 6.15 1.97
CA ASN B 44 -14.73 6.68 3.27
C ASN B 44 -15.78 7.61 3.88
N CYS B 45 -15.91 7.57 5.19
CA CYS B 45 -16.65 8.57 5.96
C CYS B 45 -15.73 9.02 7.08
N TYR B 46 -15.23 10.24 6.98
CA TYR B 46 -14.26 10.80 7.91
C TYR B 46 -15.04 11.67 8.90
N VAL B 47 -14.98 11.32 10.18
CA VAL B 47 -15.71 12.09 11.21
C VAL B 47 -14.69 12.68 12.17
N SER B 48 -14.72 13.99 12.39
CA SER B 48 -13.65 14.66 13.18
C SER B 48 -14.24 15.82 13.97
N GLY B 49 -13.45 16.36 14.89
CA GLY B 49 -13.79 17.55 15.68
C GLY B 49 -14.93 17.28 16.66
N PHE B 50 -15.12 16.04 17.12
CA PHE B 50 -16.22 15.73 18.06
C PHE B 50 -15.67 15.45 19.46
N HIS B 51 -16.56 15.60 20.43
CA HIS B 51 -16.30 15.32 21.87
C HIS B 51 -17.65 15.22 22.57
N PRO B 52 -17.99 14.15 23.32
CA PRO B 52 -17.11 12.99 23.62
C PRO B 52 -16.84 11.96 22.51
N SER B 53 -16.16 10.84 22.83
CA SER B 53 -15.72 9.88 21.80
C SER B 53 -16.87 9.00 21.32
N ASP B 54 -17.92 8.85 22.13
CA ASP B 54 -19.03 7.96 21.74
C ASP B 54 -19.68 8.47 20.46
N ILE B 55 -19.82 7.59 19.49
CA ILE B 55 -20.40 8.00 18.18
C ILE B 55 -20.83 6.76 17.41
N GLU B 56 -21.88 6.89 16.62
CA GLU B 56 -22.42 5.79 15.77
C GLU B 56 -22.17 6.22 14.34
N VAL B 57 -21.52 5.39 13.55
CA VAL B 57 -21.21 5.73 12.13
C VAL B 57 -21.58 4.53 11.26
N ASP B 58 -22.32 4.76 10.20
CA ASP B 58 -22.68 3.70 9.22
C ASP B 58 -22.48 4.22 7.81
N LEU B 59 -21.96 3.36 6.93
CA LEU B 59 -22.03 3.54 5.46
C LEU B 59 -23.31 2.86 4.98
N LEU B 60 -24.08 3.53 4.13
CA LEU B 60 -25.37 3.00 3.61
C LEU B 60 -25.27 2.82 2.10
N LYS B 61 -25.76 1.72 1.57
CA LYS B 61 -25.89 1.54 0.11
C LYS B 61 -27.39 1.46 -0.17
N ASN B 62 -27.94 2.46 -0.85
CA ASN B 62 -29.40 2.55 -1.13
C ASN B 62 -30.19 2.35 0.18
N GLY B 63 -29.82 3.09 1.22
CA GLY B 63 -30.51 3.12 2.52
C GLY B 63 -30.16 1.95 3.41
N GLU B 64 -29.34 1.03 2.93
CA GLU B 64 -29.08 -0.27 3.59
C GLU B 64 -27.72 -0.18 4.28
N ARG B 65 -27.66 -0.52 5.56
CA ARG B 65 -26.39 -0.54 6.32
C ARG B 65 -25.44 -1.56 5.70
N ILE B 66 -24.20 -1.13 5.47
CA ILE B 66 -23.11 -2.02 5.00
C ILE B 66 -22.49 -2.62 6.26
N GLU B 67 -22.47 -3.94 6.34
CA GLU B 67 -22.01 -4.75 7.49
C GLU B 67 -20.47 -4.71 7.53
N LYS B 68 -19.83 -4.93 6.38
CA LYS B 68 -18.37 -5.10 6.26
C LYS B 68 -17.72 -3.72 6.20
N VAL B 69 -17.78 -2.95 7.28
CA VAL B 69 -17.08 -1.65 7.36
C VAL B 69 -16.06 -1.71 8.49
N GLU B 70 -14.85 -1.21 8.22
CA GLU B 70 -13.75 -1.10 9.20
C GLU B 70 -13.59 0.38 9.54
N HIS B 71 -13.01 0.67 10.70
CA HIS B 71 -12.78 2.05 11.14
C HIS B 71 -11.33 2.15 11.64
N SER B 72 -10.82 3.37 11.71
CA SER B 72 -9.48 3.59 12.29
C SER B 72 -9.59 3.52 13.82
N ASP B 73 -8.45 3.41 14.49
CA ASP B 73 -8.39 3.42 15.96
C ASP B 73 -8.67 4.85 16.38
N LEU B 74 -9.46 5.05 17.42
CA LEU B 74 -9.75 6.40 17.98
C LEU B 74 -8.47 7.23 18.19
N SER B 75 -8.45 8.46 17.66
CA SER B 75 -7.31 9.42 17.74
C SER B 75 -7.88 10.83 17.85
N PHE B 76 -7.06 11.82 18.14
CA PHE B 76 -7.52 13.18 18.45
C PHE B 76 -6.50 14.19 17.96
N SER B 77 -6.98 15.41 17.70
CA SER B 77 -6.26 16.57 17.13
C SER B 77 -5.81 17.49 18.25
N LYS B 78 -5.25 18.64 17.85
CA LYS B 78 -4.62 19.67 18.72
C LYS B 78 -5.63 20.26 19.71
N ASP B 79 -6.93 20.32 19.38
CA ASP B 79 -7.96 20.87 20.30
C ASP B 79 -8.56 19.75 21.15
N TRP B 80 -7.96 18.56 21.12
CA TRP B 80 -8.32 17.32 21.84
C TRP B 80 -9.58 16.66 21.24
N SER B 81 -10.18 17.25 20.22
CA SER B 81 -11.35 16.68 19.50
C SER B 81 -10.93 15.39 18.75
N PHE B 82 -11.84 14.43 18.69
CA PHE B 82 -11.61 13.07 18.16
C PHE B 82 -11.82 13.03 16.65
N TYR B 83 -11.15 12.08 16.00
CA TYR B 83 -11.39 11.75 14.58
C TYR B 83 -11.37 10.23 14.39
N LEU B 84 -12.18 9.76 13.44
CA LEU B 84 -12.25 8.34 13.02
C LEU B 84 -12.47 8.28 11.51
N LEU B 85 -11.87 7.30 10.84
CA LEU B 85 -12.23 6.95 9.46
C LEU B 85 -12.98 5.61 9.47
N TYR B 86 -14.20 5.62 8.93
CA TYR B 86 -14.98 4.40 8.62
C TYR B 86 -14.83 4.13 7.13
N TYR B 87 -14.52 2.93 6.71
CA TYR B 87 -14.29 2.72 5.27
C TYR B 87 -14.74 1.32 4.86
N THR B 88 -15.13 1.20 3.60
CA THR B 88 -15.57 -0.08 3.02
C THR B 88 -15.19 -0.13 1.56
N GLU B 89 -14.88 -1.35 1.12
CA GLU B 89 -14.62 -1.68 -0.30
C GLU B 89 -15.92 -1.46 -1.06
N PHE B 90 -15.91 -0.77 -2.18
CA PHE B 90 -17.18 -0.61 -2.93
C PHE B 90 -16.84 -0.44 -4.41
N THR B 91 -17.86 -0.67 -5.24
CA THR B 91 -17.84 -0.48 -6.71
C THR B 91 -18.91 0.55 -7.04
N PRO B 92 -18.54 1.79 -7.44
CA PRO B 92 -19.53 2.77 -7.89
C PRO B 92 -20.27 2.34 -9.18
N THR B 93 -21.51 2.81 -9.32
CA THR B 93 -22.40 2.64 -10.49
C THR B 93 -23.14 3.96 -10.71
N GLU B 94 -23.75 4.18 -11.87
CA GLU B 94 -24.55 5.38 -12.15
C GLU B 94 -25.82 5.34 -11.29
N LYS B 95 -26.35 4.14 -11.04
CA LYS B 95 -27.65 3.90 -10.35
C LYS B 95 -27.50 3.95 -8.82
N ASP B 96 -26.42 3.40 -8.24
CA ASP B 96 -26.32 3.17 -6.77
C ASP B 96 -25.99 4.44 -6.00
N GLU B 97 -26.63 4.61 -4.85
CA GLU B 97 -26.50 5.82 -3.97
C GLU B 97 -25.82 5.34 -2.68
N TYR B 98 -24.82 6.06 -2.20
CA TYR B 98 -24.13 5.73 -0.94
C TYR B 98 -24.18 6.94 -0.02
N ALA B 99 -24.20 6.70 1.28
CA ALA B 99 -24.29 7.80 2.26
C ALA B 99 -23.60 7.42 3.57
N CYS B 100 -23.40 8.41 4.44
CA CYS B 100 -22.81 8.18 5.76
C CYS B 100 -23.79 8.71 6.80
N ARG B 101 -24.13 7.87 7.78
CA ARG B 101 -25.09 8.18 8.86
C ARG B 101 -24.31 8.24 10.16
N VAL B 102 -24.43 9.37 10.84
CA VAL B 102 -23.66 9.66 12.07
C VAL B 102 -24.66 10.08 13.14
N ASN B 103 -24.58 9.44 14.29
CA ASN B 103 -25.34 9.86 15.49
C ASN B 103 -24.33 10.18 16.59
N HIS B 104 -24.54 11.30 17.28
CA HIS B 104 -23.69 11.73 18.42
C HIS B 104 -24.57 12.51 19.39
N VAL B 105 -24.15 12.66 20.65
CA VAL B 105 -24.93 13.39 21.69
C VAL B 105 -25.27 14.78 21.16
N THR B 106 -24.37 15.45 20.45
CA THR B 106 -24.57 16.83 19.93
C THR B 106 -25.61 16.87 18.82
N LEU B 107 -26.00 15.74 18.23
CA LEU B 107 -27.00 15.76 17.12
C LEU B 107 -28.38 15.43 17.69
N SER B 108 -29.40 16.25 17.42
CA SER B 108 -30.81 15.98 17.85
C SER B 108 -31.26 14.67 17.19
N GLN B 109 -31.04 14.55 15.89
CA GLN B 109 -31.26 13.31 15.12
C GLN B 109 -29.96 12.96 14.36
N PRO B 110 -29.79 11.72 13.90
CA PRO B 110 -28.64 11.36 13.07
C PRO B 110 -28.54 12.22 11.80
N LYS B 111 -27.31 12.59 11.42
CA LYS B 111 -27.10 13.36 10.17
C LYS B 111 -26.72 12.39 9.06
N ILE B 112 -27.34 12.52 7.89
CA ILE B 112 -26.98 11.67 6.71
C ILE B 112 -26.29 12.58 5.71
N VAL B 113 -25.09 12.19 5.27
CA VAL B 113 -24.36 12.96 4.23
C VAL B 113 -24.25 12.04 3.03
N LYS B 114 -24.83 12.46 1.92
CA LYS B 114 -24.81 11.68 0.67
C LYS B 114 -23.44 11.79 0.05
N TRP B 115 -22.94 10.68 -0.45
CA TRP B 115 -21.69 10.65 -1.24
C TRP B 115 -21.90 11.41 -2.54
N ASP B 116 -21.09 12.44 -2.77
CA ASP B 116 -20.97 13.14 -4.06
C ASP B 116 -19.57 12.90 -4.60
N ARG B 117 -19.46 12.34 -5.80
CA ARG B 117 -18.19 12.07 -6.51
C ARG B 117 -17.33 13.34 -6.65
N ASP B 118 -17.97 14.51 -6.66
CA ASP B 118 -17.33 15.81 -6.97
C ASP B 118 -16.71 16.43 -5.72
N MET B 119 -16.88 15.80 -4.56
CA MET B 119 -16.46 16.42 -3.28
C MET B 119 -15.69 15.38 -2.45
N SER C 1 8.35 3.05 21.20
CA SER C 1 7.76 2.25 22.31
C SER C 1 7.24 3.21 23.36
N PRO C 2 6.08 2.92 23.98
CA PRO C 2 5.54 3.76 25.02
C PRO C 2 6.37 3.69 26.33
N ASN C 3 6.06 4.61 27.25
CA ASN C 3 6.80 4.85 28.52
C ASN C 3 6.82 3.57 29.34
N GLY C 4 8.01 3.00 29.61
CA GLY C 4 8.17 1.75 30.39
C GLY C 4 7.77 1.94 31.85
N THR C 5 8.08 3.09 32.43
CA THR C 5 7.83 3.44 33.84
C THR C 5 6.34 3.76 34.03
N ILE C 6 5.73 3.14 35.01
CA ILE C 6 4.32 3.40 35.38
C ILE C 6 4.18 4.91 35.58
N ARG C 7 3.17 5.52 34.97
CA ARG C 7 2.86 6.95 35.14
C ARG C 7 2.02 7.09 36.42
N ASN C 8 2.26 8.10 37.25
CA ASN C 8 1.48 8.25 38.50
C ASN C 8 0.04 8.66 38.16
N ILE C 9 -0.85 8.37 39.09
CA ILE C 9 -2.32 8.62 39.06
C ILE C 9 -2.58 10.12 39.25
N LEU C 10 -3.58 10.65 38.54
CA LEU C 10 -3.93 12.10 38.62
C LEU C 10 -4.57 12.37 39.99
N SER D 3 21.48 0.48 -12.15
CA SER D 3 20.86 0.71 -13.47
C SER D 3 19.33 0.60 -13.35
N HIS D 4 18.58 1.03 -14.37
CA HIS D 4 17.09 1.00 -14.42
C HIS D 4 16.61 0.49 -15.79
N SER D 5 15.39 -0.03 -15.87
CA SER D 5 14.88 -0.59 -17.15
C SER D 5 13.38 -0.34 -17.30
N MET D 6 12.96 -0.25 -18.55
CA MET D 6 11.52 -0.24 -18.92
C MET D 6 11.30 -1.44 -19.85
N ARG D 7 10.19 -2.15 -19.70
CA ARG D 7 9.86 -3.31 -20.58
C ARG D 7 8.37 -3.28 -20.89
N TYR D 8 8.02 -3.66 -22.11
CA TYR D 8 6.64 -4.00 -22.50
C TYR D 8 6.60 -5.49 -22.80
N PHE D 9 5.64 -6.22 -22.23
CA PHE D 9 5.47 -7.65 -22.53
C PHE D 9 4.14 -7.81 -23.26
N TYR D 10 4.14 -8.39 -24.46
CA TYR D 10 2.90 -8.61 -25.23
C TYR D 10 2.67 -10.09 -25.36
N THR D 11 1.46 -10.56 -25.10
CA THR D 11 1.03 -11.94 -25.44
C THR D 11 -0.20 -11.88 -26.33
N SER D 12 -0.16 -12.61 -27.46
CA SER D 12 -1.33 -12.82 -28.34
C SER D 12 -1.65 -14.32 -28.33
N VAL D 13 -2.91 -14.69 -28.14
CA VAL D 13 -3.29 -16.14 -28.10
C VAL D 13 -4.48 -16.31 -29.04
N SER D 14 -4.27 -17.05 -30.11
CA SER D 14 -5.32 -17.41 -31.10
C SER D 14 -6.27 -18.40 -30.44
N ARG D 15 -7.55 -18.35 -30.77
CA ARG D 15 -8.48 -19.43 -30.33
C ARG D 15 -9.07 -20.03 -31.59
N PRO D 16 -8.81 -21.31 -31.89
CA PRO D 16 -9.36 -21.91 -33.10
C PRO D 16 -10.89 -21.90 -32.98
N GLY D 17 -11.59 -21.23 -33.90
CA GLY D 17 -13.07 -21.16 -33.87
C GLY D 17 -13.71 -20.71 -32.55
N ARG D 18 -13.01 -19.95 -31.71
CA ARG D 18 -13.59 -19.49 -30.41
C ARG D 18 -13.52 -17.96 -30.32
N GLY D 19 -13.57 -17.27 -31.46
CA GLY D 19 -13.42 -15.80 -31.47
C GLY D 19 -12.09 -15.40 -32.07
N GLU D 20 -11.71 -14.13 -32.00
CA GLU D 20 -10.39 -13.74 -32.56
C GLU D 20 -9.36 -13.88 -31.44
N PRO D 21 -8.04 -13.73 -31.73
CA PRO D 21 -7.01 -13.83 -30.69
C PRO D 21 -7.15 -12.82 -29.54
N ARG D 22 -6.82 -13.24 -28.31
CA ARG D 22 -6.73 -12.33 -27.13
C ARG D 22 -5.37 -11.65 -27.12
N PHE D 23 -5.30 -10.32 -26.96
CA PHE D 23 -4.04 -9.55 -26.82
C PHE D 23 -3.98 -8.97 -25.40
N ILE D 24 -2.87 -9.20 -24.68
CA ILE D 24 -2.58 -8.68 -23.30
C ILE D 24 -1.23 -7.98 -23.34
N SER D 25 -1.16 -6.75 -22.84
CA SER D 25 0.12 -6.02 -22.65
C SER D 25 0.28 -5.65 -21.17
N VAL D 26 1.50 -5.77 -20.64
CA VAL D 26 1.90 -5.22 -19.32
C VAL D 26 3.16 -4.38 -19.54
N GLY D 27 3.23 -3.25 -18.86
CA GLY D 27 4.40 -2.36 -18.89
C GLY D 27 5.07 -2.41 -17.55
N TYR D 28 6.39 -2.45 -17.53
CA TYR D 28 7.17 -2.57 -16.26
C TYR D 28 8.29 -1.55 -16.27
N VAL D 29 8.51 -0.94 -15.10
CA VAL D 29 9.76 -0.23 -14.75
C VAL D 29 10.36 -1.04 -13.62
N ASP D 30 11.58 -1.55 -13.80
CA ASP D 30 12.24 -2.47 -12.84
C ASP D 30 11.27 -3.61 -12.49
N ASP D 31 10.94 -3.76 -11.20
CA ASP D 31 10.09 -4.86 -10.71
C ASP D 31 8.66 -4.36 -10.50
N THR D 32 8.28 -3.21 -11.03
CA THR D 32 6.92 -2.65 -10.80
C THR D 32 6.16 -2.60 -12.12
N GLN D 33 5.01 -3.28 -12.16
CA GLN D 33 4.06 -3.13 -13.26
C GLN D 33 3.34 -1.78 -13.06
N PHE D 34 3.28 -0.93 -14.09
CA PHE D 34 2.62 0.38 -13.98
C PHE D 34 1.42 0.47 -14.93
N VAL D 35 1.34 -0.31 -16.02
CA VAL D 35 0.22 -0.16 -17.00
C VAL D 35 -0.27 -1.55 -17.39
N ARG D 36 -1.47 -1.61 -17.93
CA ARG D 36 -2.03 -2.89 -18.44
C ARG D 36 -2.98 -2.57 -19.61
N PHE D 37 -3.15 -3.50 -20.53
CA PHE D 37 -4.18 -3.47 -21.59
C PHE D 37 -4.59 -4.89 -21.98
N ASP D 38 -5.88 -5.17 -21.92
CA ASP D 38 -6.45 -6.53 -22.19
C ASP D 38 -7.60 -6.35 -23.17
N SER D 39 -7.50 -6.96 -24.37
CA SER D 39 -8.50 -6.90 -25.46
C SER D 39 -9.77 -7.63 -25.02
N ASP D 40 -9.65 -8.56 -24.06
CA ASP D 40 -10.77 -9.31 -23.47
C ASP D 40 -11.62 -8.48 -22.51
N ALA D 41 -11.18 -7.27 -22.12
CA ALA D 41 -11.94 -6.40 -21.19
C ALA D 41 -13.16 -5.82 -21.89
N ALA D 42 -14.19 -5.49 -21.11
CA ALA D 42 -15.46 -4.88 -21.57
C ALA D 42 -15.16 -3.68 -22.46
N SER D 43 -14.45 -2.69 -21.94
CA SER D 43 -13.93 -1.54 -22.71
C SER D 43 -12.40 -1.58 -22.68
N PRO D 44 -11.75 -2.12 -23.75
CA PRO D 44 -10.31 -2.33 -23.78
C PRO D 44 -9.57 -1.00 -23.86
N ARG D 45 -8.85 -0.67 -22.78
CA ARG D 45 -8.17 0.62 -22.59
C ARG D 45 -6.88 0.35 -21.83
N GLU D 46 -5.86 1.18 -22.03
CA GLU D 46 -4.66 1.11 -21.17
C GLU D 46 -5.07 1.57 -19.77
N GLU D 47 -4.60 0.90 -18.72
CA GLU D 47 -5.02 1.22 -17.32
C GLU D 47 -3.83 1.26 -16.39
N PRO D 48 -3.87 2.16 -15.38
CA PRO D 48 -2.77 2.31 -14.42
C PRO D 48 -2.71 1.14 -13.44
N ARG D 49 -1.50 0.69 -13.12
CA ARG D 49 -1.28 -0.40 -12.15
C ARG D 49 -0.31 0.07 -11.08
N ALA D 50 0.22 1.29 -11.16
CA ALA D 50 1.02 1.91 -10.08
C ALA D 50 0.51 3.33 -9.85
N PRO D 51 0.56 3.85 -8.60
CA PRO D 51 0.07 5.19 -8.30
C PRO D 51 0.79 6.35 -9.01
N TRP D 52 2.10 6.24 -9.22
CA TRP D 52 2.91 7.32 -9.82
C TRP D 52 2.56 7.53 -11.30
N ILE D 53 1.78 6.68 -11.96
CA ILE D 53 1.44 6.88 -13.41
C ILE D 53 0.05 7.49 -13.52
N GLU D 54 -0.68 7.63 -12.42
CA GLU D 54 -2.10 8.09 -12.49
C GLU D 54 -2.15 9.60 -12.81
N GLN D 55 -1.07 10.33 -12.50
CA GLN D 55 -0.88 11.79 -12.79
C GLN D 55 -0.89 12.07 -14.31
N GLU D 56 -0.77 11.05 -15.17
CA GLU D 56 -0.85 11.23 -16.64
C GLU D 56 -2.29 11.61 -17.00
N GLY D 57 -2.47 12.58 -17.89
CA GLY D 57 -3.80 13.03 -18.32
C GLY D 57 -4.43 12.01 -19.26
N PRO D 58 -5.76 12.14 -19.54
CA PRO D 58 -6.45 11.15 -20.37
C PRO D 58 -5.80 11.00 -21.76
N GLU D 59 -5.15 12.03 -22.30
CA GLU D 59 -4.53 11.98 -23.66
C GLU D 59 -3.43 10.91 -23.72
N TYR D 60 -2.72 10.66 -22.62
CA TYR D 60 -1.71 9.56 -22.48
C TYR D 60 -2.41 8.21 -22.64
N TRP D 61 -3.48 8.00 -21.89
CA TRP D 61 -4.29 6.75 -21.86
C TRP D 61 -4.96 6.50 -23.21
N ASP D 62 -5.55 7.53 -23.81
CA ASP D 62 -6.29 7.43 -25.09
C ASP D 62 -5.32 7.03 -26.21
N ARG D 63 -4.13 7.63 -26.23
CA ARG D 63 -3.09 7.42 -27.25
C ARG D 63 -2.50 6.00 -27.10
N ASN D 64 -2.14 5.56 -25.90
CA ASN D 64 -1.49 4.23 -25.69
C ASN D 64 -2.51 3.14 -26.04
N THR D 65 -3.78 3.36 -25.73
CA THR D 65 -4.88 2.42 -26.06
C THR D 65 -4.83 2.13 -27.57
N GLN D 66 -4.59 3.15 -28.40
CA GLN D 66 -4.67 2.99 -29.88
C GLN D 66 -3.48 2.14 -30.33
N ILE D 67 -2.32 2.35 -29.72
CA ILE D 67 -1.10 1.56 -29.97
C ILE D 67 -1.38 0.07 -29.73
N TYR D 68 -2.01 -0.27 -28.60
CA TYR D 68 -2.22 -1.69 -28.22
C TYR D 68 -3.19 -2.34 -29.21
N LYS D 69 -4.22 -1.59 -29.55
CA LYS D 69 -5.28 -2.04 -30.49
C LYS D 69 -4.64 -2.31 -31.84
N ALA D 70 -3.74 -1.45 -32.32
CA ALA D 70 -3.05 -1.62 -33.61
C ALA D 70 -2.19 -2.87 -33.51
N GLN D 71 -1.47 -2.99 -32.38
CA GLN D 71 -0.59 -4.14 -32.11
C GLN D 71 -1.46 -5.41 -32.10
N ALA D 72 -2.63 -5.36 -31.44
CA ALA D 72 -3.58 -6.50 -31.41
C ALA D 72 -3.90 -6.93 -32.85
N GLN D 73 -4.26 -5.99 -33.72
CA GLN D 73 -4.64 -6.25 -35.14
C GLN D 73 -3.42 -6.80 -35.89
N THR D 74 -2.25 -6.20 -35.66
CA THR D 74 -0.92 -6.59 -36.21
C THR D 74 -0.55 -8.03 -35.80
N ASP D 75 -0.72 -8.39 -34.53
CA ASP D 75 -0.41 -9.75 -33.98
C ASP D 75 -1.32 -10.77 -34.68
N ARG D 76 -2.59 -10.43 -34.88
CA ARG D 76 -3.58 -11.27 -35.59
C ARG D 76 -3.04 -11.67 -36.96
N GLU D 77 -2.45 -10.71 -37.69
CA GLU D 77 -1.90 -10.92 -39.05
C GLU D 77 -0.64 -11.76 -38.91
N SER D 78 0.18 -11.52 -37.89
CA SER D 78 1.44 -12.29 -37.63
C SER D 78 1.11 -13.77 -37.38
N LEU D 79 0.10 -14.05 -36.57
CA LEU D 79 -0.36 -15.42 -36.25
C LEU D 79 -0.84 -16.14 -37.53
N ARG D 80 -1.54 -15.45 -38.44
CA ARG D 80 -1.94 -16.05 -39.74
C ARG D 80 -0.70 -16.47 -40.53
N ASN D 81 0.28 -15.57 -40.66
CA ASN D 81 1.53 -15.81 -41.42
C ASN D 81 2.35 -16.91 -40.72
N LEU D 82 2.44 -16.92 -39.39
CA LEU D 82 3.24 -17.97 -38.68
C LEU D 82 2.63 -19.36 -38.97
N ARG D 83 1.31 -19.50 -39.00
CA ARG D 83 0.62 -20.79 -39.31
C ARG D 83 1.08 -21.26 -40.69
N GLY D 84 1.10 -20.37 -41.68
CA GLY D 84 1.61 -20.64 -43.04
C GLY D 84 3.06 -21.13 -43.05
N TYR D 85 3.98 -20.47 -42.32
CA TYR D 85 5.42 -20.81 -42.34
C TYR D 85 5.68 -22.21 -41.77
N TYR D 86 4.87 -22.63 -40.82
CA TYR D 86 5.02 -23.94 -40.14
C TYR D 86 4.05 -24.99 -40.71
N ASN D 87 3.20 -24.60 -41.67
CA ASN D 87 2.21 -25.50 -42.35
C ASN D 87 1.35 -26.16 -41.27
N GLN D 88 0.83 -25.32 -40.38
CA GLN D 88 -0.11 -25.62 -39.28
C GLN D 88 -1.54 -25.33 -39.76
N SER D 89 -2.52 -26.15 -39.38
CA SER D 89 -3.94 -25.94 -39.74
C SER D 89 -4.58 -24.91 -38.79
N GLU D 90 -5.88 -24.68 -38.91
CA GLU D 90 -6.60 -23.79 -37.96
C GLU D 90 -7.08 -24.60 -36.74
N ALA D 91 -6.67 -25.86 -36.59
CA ALA D 91 -7.15 -26.78 -35.53
C ALA D 91 -6.63 -26.36 -34.14
N GLY D 92 -5.39 -25.88 -34.03
CA GLY D 92 -4.73 -25.63 -32.73
C GLY D 92 -4.65 -24.15 -32.38
N SER D 93 -4.53 -23.86 -31.08
CA SER D 93 -4.26 -22.53 -30.49
C SER D 93 -2.76 -22.22 -30.62
N HIS D 94 -2.37 -20.98 -30.91
CA HIS D 94 -0.93 -20.61 -31.01
C HIS D 94 -0.65 -19.30 -30.27
N THR D 95 0.62 -19.08 -29.90
CA THR D 95 1.05 -17.96 -29.03
C THR D 95 2.19 -17.15 -29.66
N LEU D 96 1.95 -15.84 -29.80
CA LEU D 96 3.03 -14.88 -30.10
C LEU D 96 3.30 -14.01 -28.89
N GLN D 97 4.54 -14.04 -28.40
CA GLN D 97 4.97 -13.18 -27.26
C GLN D 97 5.96 -12.14 -27.79
N SER D 98 5.86 -10.91 -27.33
CA SER D 98 6.83 -9.86 -27.69
C SER D 98 7.37 -9.26 -26.39
N MET D 99 8.68 -9.06 -26.33
CA MET D 99 9.31 -8.27 -25.25
C MET D 99 10.20 -7.21 -25.91
N TYR D 100 10.08 -5.96 -25.47
CA TYR D 100 11.01 -4.89 -25.89
C TYR D 100 11.15 -3.89 -24.75
N GLY D 101 12.31 -3.24 -24.72
CA GLY D 101 12.64 -2.26 -23.67
C GLY D 101 14.09 -1.81 -23.74
N CYS D 102 14.45 -0.92 -22.83
CA CYS D 102 15.76 -0.26 -22.80
C CYS D 102 16.28 -0.30 -21.36
N ASP D 103 17.58 -0.31 -21.20
CA ASP D 103 18.28 -0.29 -19.89
C ASP D 103 19.09 1.01 -19.81
N VAL D 104 18.98 1.67 -18.67
CA VAL D 104 19.71 2.93 -18.42
C VAL D 104 20.58 2.68 -17.19
N GLY D 105 21.79 3.23 -17.20
CA GLY D 105 22.71 3.07 -16.06
C GLY D 105 22.54 4.20 -15.07
N PRO D 106 23.45 4.38 -14.09
CA PRO D 106 23.37 5.52 -13.18
C PRO D 106 24.10 6.60 -13.97
N ASP D 107 23.39 7.28 -14.86
CA ASP D 107 23.90 8.33 -15.77
C ASP D 107 22.66 8.85 -16.47
N GLY D 108 21.81 7.91 -16.88
CA GLY D 108 20.58 8.19 -17.61
C GLY D 108 20.75 7.95 -19.08
N ARG D 109 21.90 7.39 -19.49
CA ARG D 109 22.10 7.13 -20.94
C ARG D 109 21.81 5.65 -21.20
N LEU D 110 21.51 5.29 -22.44
CA LEU D 110 21.17 3.89 -22.80
C LEU D 110 22.34 2.95 -22.51
N LEU D 111 22.05 1.74 -22.03
CA LEU D 111 23.05 0.69 -21.77
C LEU D 111 22.81 -0.46 -22.74
N ARG D 112 21.55 -0.82 -22.95
CA ARG D 112 21.15 -1.95 -23.83
C ARG D 112 19.68 -1.82 -24.25
N GLY D 113 19.39 -2.03 -25.53
CA GLY D 113 18.01 -2.11 -26.07
C GLY D 113 17.62 -3.57 -26.24
N HIS D 114 16.34 -3.91 -26.15
CA HIS D 114 15.83 -5.28 -26.41
C HIS D 114 14.59 -5.21 -27.32
N ASP D 115 14.45 -6.16 -28.24
CA ASP D 115 13.22 -6.35 -29.03
C ASP D 115 13.20 -7.78 -29.58
N GLN D 116 12.48 -8.71 -28.94
CA GLN D 116 12.43 -10.11 -29.44
C GLN D 116 11.05 -10.72 -29.32
N TYR D 117 10.84 -11.81 -30.05
CA TYR D 117 9.56 -12.53 -30.20
C TYR D 117 9.80 -14.01 -29.85
N ALA D 118 8.77 -14.64 -29.31
CA ALA D 118 8.70 -16.10 -29.17
C ALA D 118 7.39 -16.57 -29.78
N TYR D 119 7.44 -17.66 -30.55
CA TYR D 119 6.25 -18.35 -31.11
C TYR D 119 6.14 -19.69 -30.42
N ASP D 120 4.98 -19.99 -29.85
CA ASP D 120 4.70 -21.28 -29.16
C ASP D 120 5.79 -21.58 -28.11
N GLY D 121 6.19 -20.58 -27.32
CA GLY D 121 7.11 -20.74 -26.18
C GLY D 121 8.57 -20.91 -26.58
N LYS D 122 8.94 -20.54 -27.80
CA LYS D 122 10.34 -20.69 -28.28
C LYS D 122 10.83 -19.41 -28.96
N ASP D 123 12.13 -19.13 -28.84
CA ASP D 123 12.75 -17.99 -29.52
C ASP D 123 12.36 -18.00 -30.99
N TYR D 124 11.87 -16.89 -31.51
CA TYR D 124 11.59 -16.77 -32.96
C TYR D 124 12.66 -15.85 -33.55
N ILE D 125 12.61 -14.56 -33.23
CA ILE D 125 13.60 -13.56 -33.75
C ILE D 125 13.92 -12.55 -32.63
N ALA D 126 15.17 -12.09 -32.53
CA ALA D 126 15.64 -11.07 -31.57
C ALA D 126 16.49 -10.01 -32.28
N LEU D 127 16.26 -8.74 -31.95
CA LEU D 127 17.08 -7.61 -32.45
C LEU D 127 18.45 -7.75 -31.81
N ASN D 128 19.53 -7.62 -32.59
CA ASN D 128 20.93 -7.79 -32.12
C ASN D 128 21.30 -6.64 -31.17
N GLU D 129 22.28 -6.88 -30.29
CA GLU D 129 22.78 -5.91 -29.28
C GLU D 129 23.23 -4.61 -29.97
N ASP D 130 23.74 -4.65 -31.20
CA ASP D 130 24.17 -3.45 -31.96
C ASP D 130 22.93 -2.67 -32.42
N LEU D 131 21.75 -3.29 -32.29
CA LEU D 131 20.41 -2.73 -32.63
C LEU D 131 20.28 -2.40 -34.12
N ARG D 132 21.09 -3.01 -35.01
CA ARG D 132 20.95 -2.75 -36.48
C ARG D 132 20.62 -4.06 -37.22
N SER D 133 20.78 -5.22 -36.57
CA SER D 133 20.55 -6.54 -37.22
C SER D 133 19.72 -7.48 -36.31
N TRP D 134 19.15 -8.51 -36.95
CA TRP D 134 18.31 -9.54 -36.29
C TRP D 134 18.95 -10.91 -36.39
N THR D 135 18.72 -11.75 -35.39
CA THR D 135 19.08 -13.19 -35.33
C THR D 135 17.79 -14.02 -35.44
N ALA D 136 17.61 -14.76 -36.53
CA ALA D 136 16.49 -15.69 -36.76
C ALA D 136 16.78 -17.01 -36.03
N ALA D 137 15.79 -17.55 -35.32
CA ALA D 137 15.95 -18.82 -34.57
C ALA D 137 15.88 -20.01 -35.53
N ASP D 138 15.19 -19.88 -36.66
CA ASP D 138 14.95 -21.03 -37.57
C ASP D 138 14.65 -20.51 -38.97
N THR D 139 14.17 -21.39 -39.85
CA THR D 139 13.95 -21.09 -41.29
C THR D 139 12.65 -20.32 -41.47
N ALA D 140 11.68 -20.46 -40.57
CA ALA D 140 10.43 -19.65 -40.60
C ALA D 140 10.76 -18.19 -40.28
N ALA D 141 11.58 -17.93 -39.25
CA ALA D 141 11.97 -16.57 -38.79
C ALA D 141 12.80 -15.90 -39.90
N GLN D 142 13.57 -16.67 -40.67
CA GLN D 142 14.31 -16.13 -41.84
C GLN D 142 13.37 -15.41 -42.81
N ILE D 143 12.13 -15.90 -43.01
CA ILE D 143 11.16 -15.17 -43.88
C ILE D 143 10.90 -13.81 -43.24
N THR D 144 10.75 -13.75 -41.91
CA THR D 144 10.47 -12.47 -41.19
C THR D 144 11.71 -11.56 -41.32
N GLN D 145 12.89 -12.08 -41.04
CA GLN D 145 14.17 -11.33 -41.15
C GLN D 145 14.19 -10.60 -42.51
N ARG D 146 13.99 -11.35 -43.58
CA ARG D 146 13.94 -10.90 -45.00
C ARG D 146 12.95 -9.76 -45.18
N LYS D 147 11.69 -9.96 -44.76
CA LYS D 147 10.61 -8.95 -44.88
C LYS D 147 11.06 -7.68 -44.14
N TRP D 148 11.65 -7.88 -42.98
CA TRP D 148 12.04 -6.80 -42.05
C TRP D 148 13.31 -6.11 -42.56
N GLU D 149 14.21 -6.86 -43.17
CA GLU D 149 15.45 -6.23 -43.68
C GLU D 149 15.10 -5.25 -44.81
N ALA D 150 14.15 -5.61 -45.67
CA ALA D 150 13.64 -4.80 -46.81
C ALA D 150 12.89 -3.60 -46.25
N ALA D 151 12.04 -3.84 -45.27
CA ALA D 151 11.14 -2.82 -44.71
C ALA D 151 11.87 -1.89 -43.77
N ARG D 152 13.16 -2.14 -43.53
CA ARG D 152 13.97 -1.32 -42.59
C ARG D 152 13.32 -1.27 -41.21
N GLU D 153 12.73 -2.37 -40.75
CA GLU D 153 12.06 -2.42 -39.42
C GLU D 153 13.07 -2.09 -38.31
N ALA D 154 14.31 -2.59 -38.43
CA ALA D 154 15.34 -2.41 -37.40
C ALA D 154 15.60 -0.92 -37.17
N GLU D 155 15.60 -0.09 -38.21
CA GLU D 155 15.85 1.35 -37.99
C GLU D 155 14.73 1.93 -37.10
N GLN D 156 13.48 1.53 -37.34
CA GLN D 156 12.30 2.03 -36.59
C GLN D 156 12.39 1.63 -35.12
N ARG D 157 12.79 0.39 -34.85
CA ARG D 157 12.89 -0.15 -33.47
C ARG D 157 14.03 0.54 -32.72
N ARG D 158 15.16 0.78 -33.40
CA ARG D 158 16.33 1.49 -32.83
C ARG D 158 15.92 2.92 -32.42
N ALA D 159 15.23 3.64 -33.28
CA ALA D 159 14.79 5.05 -33.04
C ALA D 159 14.03 5.10 -31.72
N TYR D 160 13.05 4.20 -31.54
CA TYR D 160 12.23 4.15 -30.29
C TYR D 160 13.11 3.71 -29.11
N LEU D 161 13.94 2.69 -29.29
CA LEU D 161 14.71 2.11 -28.15
C LEU D 161 15.75 3.12 -27.66
N GLU D 162 16.26 3.99 -28.55
CA GLU D 162 17.36 4.93 -28.21
C GLU D 162 16.77 6.28 -27.77
N GLY D 163 15.56 6.66 -28.21
CA GLY D 163 14.97 7.97 -27.92
C GLY D 163 13.74 7.87 -27.04
N GLU D 164 12.57 7.61 -27.64
CA GLU D 164 11.23 7.56 -26.97
C GLU D 164 11.33 6.69 -25.70
N CYS D 165 11.94 5.49 -25.76
CA CYS D 165 12.02 4.52 -24.62
C CYS D 165 12.74 5.17 -23.42
N VAL D 166 13.93 5.73 -23.64
CA VAL D 166 14.78 6.35 -22.58
C VAL D 166 14.06 7.60 -22.04
N GLU D 167 13.49 8.45 -22.90
CA GLU D 167 12.71 9.66 -22.51
C GLU D 167 11.67 9.24 -21.47
N TRP D 168 10.83 8.25 -21.83
CA TRP D 168 9.69 7.78 -21.00
C TRP D 168 10.21 7.16 -19.72
N LEU D 169 11.23 6.31 -19.79
CA LEU D 169 11.79 5.65 -18.58
C LEU D 169 12.26 6.72 -17.58
N ARG D 170 13.02 7.71 -18.04
CA ARG D 170 13.58 8.76 -17.14
C ARG D 170 12.42 9.54 -16.52
N ARG D 171 11.39 9.86 -17.30
CA ARG D 171 10.20 10.60 -16.80
C ARG D 171 9.55 9.82 -15.67
N TYR D 172 9.37 8.50 -15.86
CA TYR D 172 8.71 7.59 -14.88
C TYR D 172 9.59 7.46 -13.64
N LEU D 173 10.91 7.49 -13.80
CA LEU D 173 11.89 7.37 -12.69
C LEU D 173 11.84 8.62 -11.81
N GLU D 174 11.64 9.79 -12.40
CA GLU D 174 11.49 11.06 -11.64
C GLU D 174 10.13 11.10 -10.96
N ASN D 175 9.06 10.76 -11.69
CA ASN D 175 7.64 10.85 -11.26
C ASN D 175 7.32 9.82 -10.16
N GLY D 176 7.87 8.61 -10.23
CA GLY D 176 7.69 7.57 -9.20
C GLY D 176 8.91 7.40 -8.31
N LYS D 177 9.73 8.44 -8.20
CA LYS D 177 11.09 8.41 -7.61
C LYS D 177 11.06 7.83 -6.19
N ASP D 178 10.14 8.28 -5.35
CA ASP D 178 10.16 7.80 -3.95
C ASP D 178 9.61 6.37 -3.91
N LYS D 179 8.84 5.92 -4.90
CA LYS D 179 8.40 4.50 -5.01
C LYS D 179 9.48 3.63 -5.70
N LEU D 180 10.02 4.08 -6.83
CA LEU D 180 10.93 3.25 -7.65
C LEU D 180 12.33 3.17 -7.03
N GLU D 181 12.87 4.24 -6.46
CA GLU D 181 14.28 4.26 -5.98
C GLU D 181 14.30 3.93 -4.49
N ARG D 182 13.15 3.66 -3.88
CA ARG D 182 13.09 3.12 -2.50
C ARG D 182 13.54 1.66 -2.54
N ALA D 183 14.12 1.19 -1.44
CA ALA D 183 14.39 -0.23 -1.21
C ALA D 183 13.65 -0.60 0.07
N ASP D 184 12.46 -1.18 -0.08
CA ASP D 184 11.68 -1.68 1.07
C ASP D 184 12.44 -2.88 1.61
N PRO D 185 13.02 -2.82 2.84
CA PRO D 185 13.82 -3.93 3.35
C PRO D 185 12.90 -5.07 3.80
N PRO D 186 13.40 -6.33 3.76
CA PRO D 186 12.59 -7.48 4.16
C PRO D 186 12.35 -7.58 5.68
N LYS D 187 11.15 -7.99 6.08
CA LYS D 187 10.89 -8.37 7.48
C LYS D 187 11.25 -9.86 7.59
N THR D 188 12.09 -10.23 8.55
CA THR D 188 12.72 -11.57 8.57
C THR D 188 12.50 -12.27 9.91
N HIS D 189 12.26 -13.59 9.86
CA HIS D 189 12.26 -14.47 11.05
C HIS D 189 12.63 -15.89 10.62
N VAL D 190 13.00 -16.71 11.59
CA VAL D 190 13.29 -18.15 11.41
C VAL D 190 12.21 -18.94 12.16
N THR D 191 11.72 -20.00 11.53
CA THR D 191 10.75 -20.94 12.11
C THR D 191 11.40 -22.33 12.16
N HIS D 192 10.90 -23.19 13.03
CA HIS D 192 11.52 -24.49 13.38
C HIS D 192 10.48 -25.58 13.18
N HIS D 193 10.74 -26.60 12.36
CA HIS D 193 9.75 -27.66 12.04
C HIS D 193 10.38 -29.04 12.21
N PRO D 194 10.05 -29.79 13.29
CA PRO D 194 10.53 -31.17 13.47
C PRO D 194 10.07 -32.13 12.35
N ILE D 195 11.01 -32.91 11.82
CA ILE D 195 10.77 -33.94 10.77
C ILE D 195 10.60 -35.27 11.51
N SER D 196 11.58 -35.58 12.34
CA SER D 196 11.70 -36.84 13.10
C SER D 196 12.33 -36.54 14.46
N ASP D 197 12.80 -37.55 15.18
CA ASP D 197 13.48 -37.38 16.49
C ASP D 197 14.89 -36.84 16.25
N HIS D 198 15.47 -37.07 15.07
CA HIS D 198 16.91 -36.73 14.85
C HIS D 198 17.09 -35.60 13.82
N GLU D 199 16.05 -35.10 13.15
CA GLU D 199 16.23 -33.92 12.27
C GLU D 199 15.00 -33.00 12.28
N ALA D 200 15.26 -31.70 12.12
CA ALA D 200 14.28 -30.59 12.16
C ALA D 200 14.57 -29.67 10.97
N THR D 201 13.55 -28.94 10.53
CA THR D 201 13.71 -27.94 9.43
C THR D 201 13.87 -26.56 10.05
N LEU D 202 14.84 -25.81 9.55
CA LEU D 202 14.99 -24.35 9.85
C LEU D 202 14.61 -23.58 8.59
N ARG D 203 13.63 -22.70 8.68
CA ARG D 203 13.14 -21.93 7.52
C ARG D 203 13.39 -20.44 7.78
N CYS D 204 14.23 -19.84 6.96
CA CYS D 204 14.47 -18.39 7.01
C CYS D 204 13.50 -17.71 6.06
N TRP D 205 12.74 -16.74 6.58
CA TRP D 205 11.68 -15.99 5.86
C TRP D 205 12.18 -14.58 5.53
N ALA D 206 11.94 -14.13 4.30
CA ALA D 206 12.16 -12.74 3.84
C ALA D 206 10.81 -12.23 3.33
N LEU D 207 10.18 -11.26 4.00
CA LEU D 207 8.81 -10.79 3.66
C LEU D 207 8.77 -9.27 3.42
N GLY D 208 7.97 -8.86 2.43
CA GLY D 208 7.66 -7.44 2.19
C GLY D 208 8.84 -6.64 1.69
N PHE D 209 9.71 -7.20 0.85
CA PHE D 209 10.91 -6.47 0.35
C PHE D 209 10.73 -6.05 -1.10
N TYR D 210 11.37 -4.96 -1.53
CA TYR D 210 11.44 -4.49 -2.94
C TYR D 210 12.78 -3.79 -3.12
N PRO D 211 13.51 -3.99 -4.24
CA PRO D 211 13.12 -4.87 -5.34
C PRO D 211 13.27 -6.37 -5.06
N ALA D 212 12.85 -7.21 -6.03
CA ALA D 212 12.68 -8.67 -5.88
C ALA D 212 14.02 -9.34 -5.58
N GLU D 213 15.11 -8.76 -6.07
CA GLU D 213 16.46 -9.37 -6.00
C GLU D 213 16.91 -9.36 -4.54
N ILE D 214 17.33 -10.52 -4.04
CA ILE D 214 17.64 -10.76 -2.61
C ILE D 214 18.54 -12.01 -2.53
N THR D 215 19.39 -12.09 -1.52
CA THR D 215 20.16 -13.34 -1.30
C THR D 215 19.83 -13.84 0.11
N LEU D 216 19.33 -15.07 0.18
CA LEU D 216 19.01 -15.79 1.42
C LEU D 216 19.99 -16.95 1.47
N THR D 217 20.79 -17.07 2.53
CA THR D 217 21.75 -18.20 2.60
C THR D 217 21.83 -18.69 4.05
N TRP D 218 21.97 -20.00 4.23
CA TRP D 218 22.08 -20.58 5.59
C TRP D 218 23.54 -20.84 5.94
N GLN D 219 23.95 -20.45 7.13
CA GLN D 219 25.33 -20.72 7.58
C GLN D 219 25.29 -21.63 8.83
N ARG D 220 26.07 -22.71 8.82
CA ARG D 220 26.33 -23.56 10.00
C ARG D 220 27.76 -23.24 10.42
N ASP D 221 27.92 -22.64 11.61
CA ASP D 221 29.24 -22.16 12.13
C ASP D 221 29.92 -21.26 11.07
N GLY D 222 29.16 -20.39 10.42
CA GLY D 222 29.65 -19.43 9.40
C GLY D 222 29.98 -20.06 8.05
N GLU D 223 29.71 -21.35 7.86
CA GLU D 223 30.04 -22.01 6.57
C GLU D 223 28.73 -22.24 5.82
N ASP D 224 28.69 -21.88 4.52
CA ASP D 224 27.46 -21.83 3.70
C ASP D 224 27.02 -23.26 3.36
N GLN D 225 25.71 -23.51 3.44
CA GLN D 225 25.04 -24.82 3.24
C GLN D 225 24.26 -24.79 1.93
N THR D 226 24.71 -23.94 1.00
CA THR D 226 24.08 -23.66 -0.31
C THR D 226 23.75 -24.97 -1.04
N GLN D 227 24.59 -26.00 -0.92
CA GLN D 227 24.33 -27.33 -1.55
C GLN D 227 23.07 -27.93 -0.93
N ASP D 228 22.92 -27.83 0.40
CA ASP D 228 21.84 -28.52 1.16
C ASP D 228 20.70 -27.54 1.48
N THR D 229 20.54 -26.46 0.72
CA THR D 229 19.51 -25.44 1.06
C THR D 229 18.40 -25.46 0.01
N GLU D 230 17.15 -25.58 0.47
CA GLU D 230 15.93 -25.50 -0.39
C GLU D 230 15.51 -24.04 -0.49
N LEU D 231 15.58 -23.47 -1.71
CA LEU D 231 15.12 -22.07 -2.00
C LEU D 231 13.83 -22.13 -2.81
N VAL D 232 12.74 -21.53 -2.31
CA VAL D 232 11.49 -21.33 -3.12
C VAL D 232 11.75 -20.22 -4.13
N GLU D 233 11.03 -20.24 -5.23
CA GLU D 233 11.03 -19.14 -6.23
C GLU D 233 10.52 -17.88 -5.51
N THR D 234 11.21 -16.75 -5.68
CA THR D 234 10.75 -15.40 -5.23
C THR D 234 9.34 -15.16 -5.82
N ARG D 235 8.41 -14.84 -4.94
CA ARG D 235 6.95 -14.83 -5.21
C ARG D 235 6.38 -13.49 -4.77
N PRO D 236 5.39 -12.93 -5.50
CA PRO D 236 4.79 -11.66 -5.08
C PRO D 236 3.88 -11.78 -3.86
N ALA D 237 3.96 -10.83 -2.95
CA ALA D 237 3.08 -10.77 -1.75
C ALA D 237 1.68 -10.33 -2.20
N GLY D 238 1.60 -9.63 -3.35
CA GLY D 238 0.35 -9.13 -3.93
C GLY D 238 0.20 -7.65 -3.71
N ASP D 239 1.14 -7.03 -3.03
CA ASP D 239 1.06 -5.58 -2.71
C ASP D 239 2.26 -4.87 -3.32
N ARG D 240 2.92 -5.46 -4.32
CA ARG D 240 4.15 -4.96 -5.02
C ARG D 240 5.44 -5.32 -4.28
N THR D 241 5.35 -5.93 -3.11
CA THR D 241 6.56 -6.45 -2.40
C THR D 241 6.68 -7.92 -2.76
N PHE D 242 7.78 -8.51 -2.33
CA PHE D 242 8.11 -9.91 -2.63
C PHE D 242 8.31 -10.66 -1.32
N GLN D 243 8.33 -11.98 -1.45
CA GLN D 243 8.60 -12.94 -0.38
C GLN D 243 9.59 -13.96 -0.91
N LYS D 244 10.41 -14.52 -0.03
CA LYS D 244 11.24 -15.69 -0.37
C LYS D 244 11.50 -16.45 0.93
N TRP D 245 11.78 -17.75 0.86
CA TRP D 245 12.29 -18.44 2.06
C TRP D 245 13.33 -19.47 1.69
N ALA D 246 14.16 -19.82 2.67
CA ALA D 246 15.27 -20.78 2.52
C ALA D 246 15.10 -21.85 3.59
N ALA D 247 15.12 -23.12 3.22
CA ALA D 247 14.93 -24.18 4.23
C ALA D 247 16.16 -25.07 4.28
N VAL D 248 16.54 -25.48 5.47
CA VAL D 248 17.67 -26.43 5.62
C VAL D 248 17.27 -27.44 6.68
N VAL D 249 17.42 -28.73 6.34
CA VAL D 249 17.29 -29.87 7.29
C VAL D 249 18.59 -29.97 8.08
N VAL D 250 18.50 -29.76 9.40
CA VAL D 250 19.66 -29.79 10.34
C VAL D 250 19.41 -30.88 11.39
N PRO D 251 20.46 -31.36 12.08
CA PRO D 251 20.30 -32.36 13.13
C PRO D 251 19.68 -31.80 14.40
N SER D 252 18.76 -32.53 15.01
CA SER D 252 18.16 -32.08 16.28
C SER D 252 19.27 -31.87 17.30
N GLY D 253 19.25 -30.75 18.00
CA GLY D 253 20.24 -30.35 19.02
C GLY D 253 21.39 -29.54 18.44
N GLU D 254 21.42 -29.30 17.13
CA GLU D 254 22.51 -28.54 16.47
C GLU D 254 21.97 -27.23 15.87
N GLU D 255 20.73 -26.84 16.19
CA GLU D 255 20.01 -25.68 15.57
C GLU D 255 20.77 -24.38 15.85
N GLN D 256 21.40 -24.27 17.03
CA GLN D 256 22.20 -23.09 17.48
C GLN D 256 23.42 -22.84 16.58
N ARG D 257 23.88 -23.83 15.81
CA ARG D 257 25.07 -23.66 14.94
C ARG D 257 24.71 -22.95 13.63
N TYR D 258 23.44 -22.69 13.38
CA TYR D 258 23.02 -22.19 12.04
C TYR D 258 22.59 -20.74 12.12
N THR D 259 22.95 -19.97 11.10
CA THR D 259 22.59 -18.54 10.98
C THR D 259 22.06 -18.30 9.57
N CYS D 260 21.04 -17.48 9.44
CA CYS D 260 20.52 -17.12 8.12
C CYS D 260 21.11 -15.78 7.73
N HIS D 261 21.62 -15.65 6.50
CA HIS D 261 22.22 -14.39 6.00
C HIS D 261 21.34 -13.81 4.90
N VAL D 262 20.90 -12.55 5.09
CA VAL D 262 20.07 -11.80 4.10
C VAL D 262 20.83 -10.56 3.59
N GLN D 263 21.07 -10.52 2.28
CA GLN D 263 21.61 -9.36 1.54
C GLN D 263 20.45 -8.76 0.75
N HIS D 264 20.18 -7.48 0.94
CA HIS D 264 19.12 -6.75 0.19
C HIS D 264 19.45 -5.26 0.22
N GLU D 265 19.14 -4.54 -0.85
CA GLU D 265 19.48 -3.09 -1.00
C GLU D 265 18.87 -2.29 0.15
N GLY D 266 17.69 -2.66 0.64
CA GLY D 266 17.00 -2.00 1.76
C GLY D 266 17.74 -2.12 3.09
N LEU D 267 18.76 -2.98 3.14
CA LEU D 267 19.58 -3.26 4.35
C LEU D 267 20.93 -2.55 4.21
N PRO D 268 21.29 -1.70 5.20
CA PRO D 268 22.57 -0.97 5.17
C PRO D 268 23.73 -1.97 5.05
N LYS D 269 23.70 -2.99 5.90
CA LYS D 269 24.67 -4.11 5.92
C LYS D 269 23.88 -5.41 6.02
N PRO D 270 24.46 -6.56 5.64
CA PRO D 270 23.75 -7.84 5.69
C PRO D 270 23.27 -8.13 7.12
N LEU D 271 22.06 -8.70 7.23
CA LEU D 271 21.45 -9.08 8.51
C LEU D 271 21.76 -10.57 8.77
N THR D 272 22.18 -10.89 9.99
CA THR D 272 22.43 -12.27 10.44
C THR D 272 21.28 -12.64 11.38
N LEU D 273 20.65 -13.78 11.13
CA LEU D 273 19.44 -14.23 11.86
C LEU D 273 19.69 -15.63 12.39
N ARG D 274 19.18 -15.94 13.58
CA ARG D 274 19.23 -17.27 14.24
C ARG D 274 17.82 -17.66 14.69
N TRP D 275 17.58 -18.93 14.95
CA TRP D 275 16.33 -19.38 15.59
C TRP D 275 16.37 -19.06 17.09
N GLU D 276 15.29 -18.46 17.62
CA GLU D 276 15.17 -17.97 19.02
C GLU D 276 13.97 -18.63 19.67
N PRO D 277 14.16 -19.75 20.42
CA PRO D 277 13.04 -20.47 21.00
C PRO D 277 12.30 -19.67 22.08
N GLU E 19 0.54 -25.30 -29.92
CA GLU E 19 1.50 -25.18 -28.79
C GLU E 19 2.52 -26.29 -28.97
N ALA E 20 3.80 -25.93 -29.18
CA ALA E 20 4.85 -26.95 -29.44
C ALA E 20 6.02 -26.78 -28.47
N ILE E 21 5.70 -26.45 -27.22
CA ILE E 21 6.64 -26.25 -26.08
C ILE E 21 5.74 -26.14 -24.86
N GLN E 22 5.71 -27.16 -23.99
CA GLN E 22 4.74 -27.07 -22.90
C GLN E 22 5.56 -27.05 -21.63
N ARG E 23 5.19 -26.18 -20.72
CA ARG E 23 5.90 -26.12 -19.43
C ARG E 23 4.85 -26.33 -18.34
N THR E 24 5.16 -27.21 -17.39
CA THR E 24 4.31 -27.53 -16.23
C THR E 24 4.40 -26.35 -15.27
N PRO E 25 3.26 -25.83 -14.80
CA PRO E 25 3.27 -24.73 -13.84
C PRO E 25 3.84 -25.12 -12.47
N LYS E 26 4.68 -24.28 -11.88
CA LYS E 26 5.01 -24.40 -10.43
C LYS E 26 3.87 -23.73 -9.69
N ILE E 27 3.56 -24.16 -8.47
CA ILE E 27 2.38 -23.60 -7.74
C ILE E 27 2.82 -23.23 -6.34
N GLN E 28 2.59 -22.00 -5.91
CA GLN E 28 2.86 -21.61 -4.50
C GLN E 28 1.55 -21.07 -3.89
N VAL E 29 1.14 -21.63 -2.75
CA VAL E 29 -0.02 -21.20 -1.93
C VAL E 29 0.49 -20.63 -0.61
N TYR E 30 0.18 -19.39 -0.30
CA TYR E 30 0.74 -18.73 0.89
C TYR E 30 -0.14 -17.53 1.20
N SER E 31 0.05 -16.96 2.39
CA SER E 31 -0.61 -15.71 2.84
C SER E 31 0.33 -14.54 2.57
N ARG E 32 -0.24 -13.38 2.32
CA ARG E 32 0.48 -12.10 2.16
C ARG E 32 1.22 -11.82 3.46
N HIS E 33 0.56 -11.99 4.60
CA HIS E 33 1.21 -11.77 5.93
C HIS E 33 1.20 -13.08 6.70
N PRO E 34 2.15 -13.28 7.65
CA PRO E 34 2.11 -14.42 8.56
C PRO E 34 0.71 -14.50 9.18
N ALA E 35 0.07 -15.65 9.01
CA ALA E 35 -1.34 -15.88 9.37
C ALA E 35 -1.51 -15.77 10.89
N GLU E 36 -2.57 -15.10 11.32
CA GLU E 36 -2.99 -15.04 12.74
C GLU E 36 -4.47 -15.37 12.78
N ASN E 37 -4.89 -16.35 13.59
CA ASN E 37 -6.32 -16.75 13.66
C ASN E 37 -7.16 -15.52 13.99
N GLY E 38 -8.23 -15.29 13.21
CA GLY E 38 -9.17 -14.17 13.38
C GLY E 38 -8.65 -12.84 12.82
N LYS E 39 -7.46 -12.78 12.21
CA LYS E 39 -6.93 -11.52 11.61
C LYS E 39 -7.16 -11.53 10.09
N SER E 40 -7.51 -10.38 9.53
CA SER E 40 -7.70 -10.17 8.08
C SER E 40 -6.35 -10.35 7.38
N ASN E 41 -6.34 -11.03 6.23
CA ASN E 41 -5.13 -11.39 5.44
C ASN E 41 -5.55 -11.55 3.97
N PHE E 42 -4.64 -11.98 3.09
CA PHE E 42 -4.93 -12.36 1.67
C PHE E 42 -4.37 -13.75 1.41
N LEU E 43 -5.17 -14.62 0.81
CA LEU E 43 -4.67 -15.93 0.36
C LEU E 43 -4.15 -15.77 -1.06
N ASN E 44 -2.88 -16.13 -1.28
CA ASN E 44 -2.20 -16.05 -2.60
C ASN E 44 -2.01 -17.44 -3.22
N CYS E 45 -2.26 -17.57 -4.52
CA CYS E 45 -1.85 -18.76 -5.29
C CYS E 45 -0.98 -18.29 -6.47
N TYR E 46 0.32 -18.55 -6.42
CA TYR E 46 1.24 -18.09 -7.48
C TYR E 46 1.52 -19.28 -8.42
N VAL E 47 1.13 -19.11 -9.69
CA VAL E 47 1.38 -20.15 -10.73
C VAL E 47 2.39 -19.56 -11.69
N SER E 48 3.52 -20.21 -11.90
CA SER E 48 4.58 -19.69 -12.81
C SER E 48 5.21 -20.85 -13.59
N GLY E 49 6.14 -20.51 -14.49
CA GLY E 49 6.88 -21.48 -15.32
C GLY E 49 6.02 -22.26 -16.30
N PHE E 50 4.82 -21.80 -16.68
CA PHE E 50 3.90 -22.61 -17.53
C PHE E 50 3.77 -22.03 -18.95
N HIS E 51 3.43 -22.89 -19.90
CA HIS E 51 3.25 -22.59 -21.34
C HIS E 51 2.45 -23.74 -21.95
N PRO E 52 1.36 -23.48 -22.69
CA PRO E 52 0.88 -22.13 -23.00
C PRO E 52 0.12 -21.43 -21.87
N SER E 53 -0.46 -20.25 -22.14
CA SER E 53 -1.03 -19.35 -21.09
C SER E 53 -2.43 -19.79 -20.64
N ASP E 54 -3.15 -20.63 -21.39
CA ASP E 54 -4.51 -21.04 -20.97
C ASP E 54 -4.32 -21.84 -19.69
N ILE E 55 -4.91 -21.38 -18.59
CA ILE E 55 -4.76 -22.05 -17.26
C ILE E 55 -6.03 -21.75 -16.45
N GLU E 56 -6.37 -22.65 -15.55
CA GLU E 56 -7.60 -22.56 -14.72
C GLU E 56 -7.14 -22.57 -13.28
N VAL E 57 -7.45 -21.52 -12.52
CA VAL E 57 -7.01 -21.44 -11.10
C VAL E 57 -8.19 -21.07 -10.22
N ASP E 58 -8.37 -21.76 -9.12
CA ASP E 58 -9.42 -21.46 -8.13
C ASP E 58 -8.81 -21.56 -6.75
N LEU E 59 -9.17 -20.65 -5.85
CA LEU E 59 -8.90 -20.78 -4.40
C LEU E 59 -10.09 -21.50 -3.76
N LEU E 60 -9.83 -22.44 -2.88
CA LEU E 60 -10.88 -23.27 -2.23
C LEU E 60 -10.89 -23.02 -0.73
N LYS E 61 -12.08 -22.93 -0.13
CA LYS E 61 -12.25 -22.95 1.34
C LYS E 61 -13.04 -24.21 1.69
N ASN E 62 -12.41 -25.13 2.42
CA ASN E 62 -13.01 -26.42 2.83
C ASN E 62 -13.67 -27.05 1.60
N GLY E 63 -12.92 -27.15 0.50
CA GLY E 63 -13.35 -27.83 -0.73
C GLY E 63 -14.14 -26.94 -1.66
N GLU E 64 -14.64 -25.79 -1.16
CA GLU E 64 -15.62 -24.95 -1.90
C GLU E 64 -14.87 -23.83 -2.61
N ARG E 65 -15.21 -23.57 -3.87
CA ARG E 65 -14.60 -22.51 -4.70
C ARG E 65 -15.05 -21.13 -4.18
N ILE E 66 -14.07 -20.27 -3.92
CA ILE E 66 -14.29 -18.85 -3.50
C ILE E 66 -14.63 -18.08 -4.77
N GLU E 67 -15.73 -17.31 -4.78
CA GLU E 67 -16.24 -16.62 -6.00
C GLU E 67 -15.42 -15.35 -6.27
N LYS E 68 -15.11 -14.54 -5.25
CA LYS E 68 -14.50 -13.20 -5.47
C LYS E 68 -12.98 -13.30 -5.58
N VAL E 69 -12.43 -14.04 -6.55
CA VAL E 69 -10.94 -14.14 -6.65
C VAL E 69 -10.46 -13.22 -7.77
N GLU E 70 -9.43 -12.44 -7.47
CA GLU E 70 -8.77 -11.49 -8.39
C GLU E 70 -7.50 -12.15 -8.92
N HIS E 71 -6.95 -11.65 -10.02
CA HIS E 71 -5.65 -12.13 -10.52
C HIS E 71 -4.86 -10.98 -11.13
N SER E 72 -3.55 -11.17 -11.28
CA SER E 72 -2.64 -10.19 -11.92
C SER E 72 -2.80 -10.30 -13.44
N ASP E 73 -2.24 -9.35 -14.17
CA ASP E 73 -2.22 -9.35 -15.65
C ASP E 73 -1.18 -10.39 -16.08
N LEU E 74 -1.48 -11.15 -17.11
CA LEU E 74 -0.56 -12.18 -17.66
C LEU E 74 0.79 -11.54 -18.00
N SER E 75 1.87 -12.12 -17.46
CA SER E 75 3.26 -11.67 -17.69
C SER E 75 4.15 -12.89 -17.84
N PHE E 76 5.40 -12.71 -18.16
CA PHE E 76 6.27 -13.86 -18.48
C PHE E 76 7.71 -13.51 -18.07
N SER E 77 8.51 -14.55 -17.89
CA SER E 77 9.93 -14.48 -17.47
C SER E 77 10.84 -14.54 -18.70
N LYS E 78 12.14 -14.50 -18.45
CA LYS E 78 13.24 -14.51 -19.45
C LYS E 78 13.12 -15.73 -20.37
N ASP E 79 12.71 -16.88 -19.84
CA ASP E 79 12.50 -18.11 -20.64
C ASP E 79 11.12 -18.13 -21.31
N TRP E 80 10.38 -17.01 -21.31
CA TRP E 80 9.04 -16.82 -21.97
C TRP E 80 7.93 -17.54 -21.22
N SER E 81 8.20 -18.18 -20.09
CA SER E 81 7.17 -18.93 -19.35
C SER E 81 6.27 -17.93 -18.62
N PHE E 82 4.99 -18.25 -18.47
CA PHE E 82 3.97 -17.33 -17.91
C PHE E 82 3.91 -17.39 -16.39
N TYR E 83 3.46 -16.30 -15.78
CA TYR E 83 3.15 -16.27 -14.33
C TYR E 83 1.87 -15.49 -14.10
N LEU E 84 1.15 -15.88 -13.04
CA LEU E 84 -0.11 -15.25 -12.57
C LEU E 84 -0.18 -15.32 -11.05
N LEU E 85 -0.66 -14.27 -10.41
CA LEU E 85 -1.06 -14.35 -8.98
C LEU E 85 -2.59 -14.32 -8.91
N TYR E 86 -3.17 -15.32 -8.28
CA TYR E 86 -4.61 -15.33 -7.91
C TYR E 86 -4.66 -15.01 -6.43
N TYR E 87 -5.54 -14.11 -5.99
CA TYR E 87 -5.59 -13.74 -4.55
C TYR E 87 -7.02 -13.37 -4.13
N THR E 88 -7.24 -13.39 -2.83
CA THR E 88 -8.55 -13.07 -2.23
C THR E 88 -8.31 -12.65 -0.79
N GLU E 89 -9.19 -11.79 -0.29
CA GLU E 89 -9.28 -11.42 1.13
C GLU E 89 -9.73 -12.67 1.88
N PHE E 90 -9.13 -12.99 3.01
CA PHE E 90 -9.58 -14.14 3.82
C PHE E 90 -9.19 -13.92 5.29
N THR E 91 -9.82 -14.71 6.16
CA THR E 91 -9.58 -14.72 7.63
C THR E 91 -9.24 -16.14 8.05
N PRO E 92 -7.96 -16.49 8.27
CA PRO E 92 -7.64 -17.85 8.74
C PRO E 92 -8.24 -18.17 10.11
N THR E 93 -8.47 -19.45 10.35
CA THR E 93 -8.95 -20.03 11.64
C THR E 93 -8.16 -21.32 11.88
N GLU E 94 -8.27 -21.88 13.09
CA GLU E 94 -7.70 -23.22 13.41
C GLU E 94 -8.34 -24.28 12.52
N LYS E 95 -9.61 -24.09 12.13
CA LYS E 95 -10.49 -25.14 11.53
C LYS E 95 -10.39 -25.12 10.01
N ASP E 96 -10.53 -23.94 9.40
CA ASP E 96 -10.77 -23.84 7.95
C ASP E 96 -9.52 -24.28 7.19
N GLU E 97 -9.71 -25.15 6.20
CA GLU E 97 -8.65 -25.61 5.27
C GLU E 97 -8.78 -24.81 3.98
N TYR E 98 -7.68 -24.27 3.47
CA TYR E 98 -7.64 -23.50 2.20
C TYR E 98 -6.71 -24.22 1.22
N ALA E 99 -6.98 -24.13 -0.07
CA ALA E 99 -6.08 -24.69 -1.10
C ALA E 99 -6.21 -23.95 -2.45
N CYS E 100 -5.30 -24.28 -3.35
CA CYS E 100 -5.31 -23.75 -4.73
C CYS E 100 -5.58 -24.90 -5.70
N ARG E 101 -6.54 -24.74 -6.61
CA ARG E 101 -6.87 -25.72 -7.67
C ARG E 101 -6.29 -25.19 -8.97
N VAL E 102 -5.42 -25.93 -9.64
CA VAL E 102 -4.80 -25.48 -10.91
C VAL E 102 -5.06 -26.53 -11.99
N ASN E 103 -5.63 -26.13 -13.13
CA ASN E 103 -5.78 -27.02 -14.30
C ASN E 103 -5.04 -26.44 -15.50
N HIS E 104 -4.30 -27.26 -16.23
CA HIS E 104 -3.45 -26.87 -17.38
C HIS E 104 -3.26 -28.07 -18.29
N VAL E 105 -3.01 -27.88 -19.58
CA VAL E 105 -2.80 -29.01 -20.53
C VAL E 105 -1.72 -29.97 -20.02
N THR E 106 -0.66 -29.48 -19.37
CA THR E 106 0.50 -30.32 -18.93
C THR E 106 0.10 -31.27 -17.80
N LEU E 107 -1.00 -31.00 -17.09
CA LEU E 107 -1.43 -31.86 -15.95
C LEU E 107 -2.50 -32.85 -16.46
N SER E 108 -2.34 -34.13 -16.14
CA SER E 108 -3.33 -35.15 -16.52
C SER E 108 -4.65 -34.83 -15.81
N GLN E 109 -4.55 -34.39 -14.54
CA GLN E 109 -5.70 -33.99 -13.69
C GLN E 109 -5.39 -32.64 -13.05
N PRO E 110 -6.42 -31.87 -12.61
CA PRO E 110 -6.19 -30.64 -11.84
C PRO E 110 -5.43 -30.96 -10.54
N LYS E 111 -4.47 -30.11 -10.18
CA LYS E 111 -3.62 -30.32 -8.99
C LYS E 111 -4.16 -29.43 -7.88
N ILE E 112 -4.28 -29.99 -6.68
CA ILE E 112 -4.74 -29.27 -5.47
C ILE E 112 -3.51 -29.12 -4.60
N VAL E 113 -3.20 -27.89 -4.17
CA VAL E 113 -2.07 -27.65 -3.24
C VAL E 113 -2.69 -27.04 -2.00
N LYS E 114 -2.51 -27.68 -0.86
CA LYS E 114 -3.10 -27.22 0.41
C LYS E 114 -2.31 -26.04 0.93
N TRP E 115 -3.00 -25.06 1.50
CA TRP E 115 -2.28 -23.94 2.16
C TRP E 115 -1.73 -24.41 3.50
N ASP E 116 -0.41 -24.26 3.70
CA ASP E 116 0.27 -24.46 5.00
C ASP E 116 0.82 -23.11 5.45
N ARG E 117 0.46 -22.68 6.66
CA ARG E 117 0.93 -21.42 7.28
C ARG E 117 2.46 -21.32 7.29
N ASP E 118 3.13 -22.45 7.47
CA ASP E 118 4.60 -22.51 7.68
C ASP E 118 5.35 -22.48 6.35
N MET E 119 4.67 -22.50 5.21
CA MET E 119 5.34 -22.51 3.88
C MET E 119 4.84 -21.35 3.02
N SER F 1 5.89 4.86 -22.12
CA SER F 1 4.86 4.61 -23.18
C SER F 1 5.40 3.61 -24.18
N PRO F 2 4.50 2.79 -24.76
CA PRO F 2 4.89 1.82 -25.78
C PRO F 2 5.21 2.47 -27.13
N ASN F 3 5.75 1.69 -28.06
CA ASN F 3 6.24 2.13 -29.40
C ASN F 3 5.10 2.78 -30.19
N GLY F 4 5.26 4.06 -30.54
CA GLY F 4 4.27 4.86 -31.29
C GLY F 4 4.16 4.41 -32.74
N THR F 5 5.22 3.87 -33.31
CA THR F 5 5.29 3.44 -34.74
C THR F 5 4.75 2.02 -34.87
N ILE F 6 3.72 1.82 -35.68
CA ILE F 6 3.15 0.49 -35.96
C ILE F 6 4.32 -0.45 -36.31
N ARG F 7 4.40 -1.56 -35.61
CA ARG F 7 5.47 -2.55 -35.85
C ARG F 7 5.06 -3.42 -37.02
N ASN F 8 6.02 -3.88 -37.80
CA ASN F 8 5.71 -4.66 -39.00
C ASN F 8 5.19 -6.06 -38.65
N ILE F 9 4.30 -6.56 -39.49
CA ILE F 9 3.76 -7.94 -39.42
C ILE F 9 4.92 -8.95 -39.62
N LEU F 10 4.87 -10.08 -38.90
CA LEU F 10 5.89 -11.15 -38.95
C LEU F 10 5.73 -11.93 -40.25
C1 PEG G . -2.13 12.69 12.34
O1 PEG G . -2.29 13.62 11.28
C2 PEG G . -0.77 12.66 12.85
O2 PEG G . -0.78 12.58 14.26
C3 PEG G . 0.50 12.80 14.86
C4 PEG G . 0.89 14.25 14.79
O4 PEG G . 2.15 14.52 15.40
OH2 1PE H . -4.39 -0.66 7.98
C12 1PE H . -3.91 0.24 8.99
C22 1PE H . -3.33 1.51 8.38
OH3 1PE H . -3.99 2.68 8.89
C13 1PE H . -5.99 3.97 8.35
C23 1PE H . -4.64 3.44 7.85
OH4 1PE H . -6.15 5.38 8.05
C14 1PE H . -6.51 7.56 8.99
C24 1PE H . -6.71 6.08 9.16
OH5 1PE H . -6.34 8.32 10.21
C15 1PE H . -5.29 10.47 10.68
C25 1PE H . -5.09 9.07 10.20
OH6 1PE H . -5.72 11.41 9.68
C16 1PE H . -5.65 13.86 9.10
C26 1PE H . -5.67 12.78 10.19
OH7 1PE H . -4.63 14.86 9.35
C1 PEG I . 16.69 1.28 21.76
O1 PEG I . 15.83 0.34 21.16
C2 PEG I . 15.98 2.11 22.77
O2 PEG I . 15.43 1.25 23.76
C3 PEG I . 16.18 1.22 24.98
C4 PEG I . 15.49 0.34 25.96
O4 PEG I . 16.23 0.16 27.16
S SO4 J . -6.74 20.68 8.01
O1 SO4 J . -6.85 20.09 6.71
O2 SO4 J . -6.53 19.65 8.99
O3 SO4 J . -7.96 21.40 8.30
O4 SO4 J . -5.61 21.59 8.02
S SO4 K . -9.38 14.35 -15.25
O1 SO4 K . -10.44 13.92 -16.12
O2 SO4 K . -9.13 13.32 -14.27
O3 SO4 K . -8.19 14.59 -16.02
O4 SO4 K . -9.77 15.57 -14.58
C1 PEG L . -4.15 17.07 14.52
O1 PEG L . -3.80 16.55 13.29
C2 PEG L . -3.60 18.41 14.74
O2 PEG L . -4.31 19.34 13.94
C3 PEG L . -5.72 19.21 14.08
C4 PEG L . -6.40 20.26 13.28
O4 PEG L . -7.77 20.02 13.18
C1 PGE M . -0.26 19.85 21.62
O1 PGE M . 0.97 20.25 22.24
C2 PGE M . -1.37 19.69 22.59
O2 PGE M . -1.85 18.35 22.59
C3 PGE M . -3.05 18.18 21.83
C4 PGE M . -3.31 16.73 21.65
O4 PGE M . -1.59 16.47 17.24
C6 PGE M . -2.30 15.86 18.32
C5 PGE M . -2.57 16.83 19.41
O3 PGE M . -2.43 16.20 20.67
C1 PEG N . -21.47 17.78 7.91
O1 PEG N . -22.32 18.52 7.08
C2 PEG N . -21.46 18.26 9.32
O2 PEG N . -22.63 17.84 9.98
C3 PEG N . -22.92 18.60 11.13
C4 PEG N . -24.32 18.35 11.58
O4 PEG N . -24.89 19.42 12.32
O1 PG4 O . 13.39 -6.38 -15.33
C1 PG4 O . 12.39 -6.63 -16.31
C2 PG4 O . 11.38 -7.61 -15.82
O2 PG4 O . 10.52 -6.98 -14.88
C3 PG4 O . 9.35 -7.73 -14.60
C4 PG4 O . 9.66 -8.80 -13.64
O3 PG4 O . 9.27 -8.38 -12.35
C5 PG4 O . 9.17 -9.46 -11.42
C6 PG4 O . 10.48 -9.66 -10.69
O4 PG4 O . 10.70 -11.05 -10.48
C7 PG4 O . 9.99 -11.61 -9.38
C8 PG4 O . 8.57 -11.87 -9.76
O5 PG4 O . 7.81 -12.43 -8.69
C1 PEG P . 5.62 -9.55 -10.51
O1 PEG P . 6.15 -10.76 -10.02
C2 PEG P . 4.39 -9.20 -9.79
O2 PEG P . 3.30 -9.95 -10.32
C3 PEG P . 2.19 -10.03 -9.43
C4 PEG P . 2.00 -8.75 -8.67
O4 PEG P . 0.85 -8.77 -7.88
S SO4 Q . 0.12 -5.26 -8.91
O1 SO4 Q . 0.48 -5.71 -7.58
O2 SO4 Q . -0.32 -6.40 -9.68
O3 SO4 Q . 1.27 -4.67 -9.53
O4 SO4 Q . -0.94 -4.30 -8.83
C1 PEG R . 5.86 -28.12 -10.71
O1 PEG R . 7.26 -27.90 -10.78
C2 PEG R . 5.36 -28.17 -9.28
O2 PEG R . 3.94 -27.97 -9.23
C3 PEG R . 3.33 -28.56 -8.10
C4 PEG R . 3.83 -27.95 -6.83
O4 PEG R . 3.71 -28.87 -5.73
#